data_8R1E
#
_entry.id   8R1E
#
_cell.length_a   61.892
_cell.length_b   64.756
_cell.length_c   287.954
_cell.angle_alpha   90.00
_cell.angle_beta   90.00
_cell.angle_gamma   90.00
#
_symmetry.space_group_name_H-M   'P 21 21 21'
#
loop_
_entity.id
_entity.type
_entity.pdbx_description
1 polymer 'Probable acyl-CoA dehydrogenase'
2 non-polymer 'FLAVIN-ADENINE DINUCLEOTIDE'
3 non-polymer GLYCEROL
4 non-polymer 'TRIETHYLENE GLYCOL'
5 water water
#
_entity_poly.entity_id   1
_entity_poly.type   'polypeptide(L)'
_entity_poly.pdbx_seq_one_letter_code
;GHMADYKAPLRDMRFVLNEVFEVSRLWAQLPALAEVVDAETAAAILEEAGKVTAGTIAPLNRPGDEEGCQWNAGAVSTPA
GFPEAYRTYAEGGWVGVGGDPAYGGMGMPKVISAQVEELVNSANLSFGLYPGLTAGACLALNAHASDELKDKYLPNMYAG
IWAGSMCLTEPHAGTDLGIIRTRAEPQADGSYKISGTKIFITGGEHDLTENIIHLVLAKLPDAPAGPKGISLFLVPKVLV
NADGSLGEKNSLGCGSIEHKMGIKASATCVMNFDGATGWLVGEVNKGLAAMFTMMNYARLGVGIAGLATGERSYQSAIEY
ARERIQSRAPTGPVAKDKAADPIIVHPDVRRMLLTMKALNEGGRAFSSYVAMQLDTAKYSEDAVTRKRAEELVALLTPVA
KAFLTDMGLETTIHGQQIFGGHGFIREWGQEQLVRDCRITQIYEGTNGIQALDLVGRKVIGSGGAFSRHFTDEIKAFVAS
ADEALGEFSKPLAAAVENLEELTAWLLDRAKGNPNEIGAASVEYLHVFGYTAYAYMWALMARTALAKQGEDDFYASKLGT
ARFYFARLLPRIHSLSASVRAGSESLYLLDAEQF
;
_entity_poly.pdbx_strand_id   B,A
#
loop_
_chem_comp.id
_chem_comp.type
_chem_comp.name
_chem_comp.formula
FAD non-polymer 'FLAVIN-ADENINE DINUCLEOTIDE' 'C27 H33 N9 O15 P2'
GOL non-polymer GLYCEROL 'C3 H8 O3'
PGE non-polymer 'TRIETHYLENE GLYCOL' 'C6 H14 O4'
#
# COMPACT_ATOMS: atom_id res chain seq x y z
N GLY A 1 -19.92 11.02 -0.34
CA GLY A 1 -18.76 11.04 -1.26
C GLY A 1 -19.10 10.45 -2.62
N HIS A 2 -18.13 10.55 -3.53
CA HIS A 2 -18.30 10.08 -4.92
C HIS A 2 -16.93 9.98 -5.59
N MET A 3 -16.70 8.94 -6.40
CA MET A 3 -15.45 8.87 -7.19
C MET A 3 -15.52 9.98 -8.23
N ALA A 4 -14.53 10.86 -8.31
CA ALA A 4 -14.65 12.04 -9.20
C ALA A 4 -14.82 11.58 -10.65
N ASP A 5 -15.48 12.41 -11.45
CA ASP A 5 -15.74 12.01 -12.86
C ASP A 5 -14.40 11.80 -13.56
N TYR A 6 -14.29 10.70 -14.30
CA TYR A 6 -13.05 10.47 -15.07
C TYR A 6 -13.03 11.36 -16.32
N LYS A 7 -11.92 12.04 -16.53
CA LYS A 7 -11.74 12.81 -17.78
C LYS A 7 -10.43 12.35 -18.41
N ALA A 8 -10.50 11.86 -19.64
CA ALA A 8 -9.31 11.33 -20.32
C ALA A 8 -8.29 12.46 -20.43
N PRO A 9 -6.99 12.18 -20.14
CA PRO A 9 -5.93 13.18 -20.19
C PRO A 9 -5.38 13.42 -21.60
N LEU A 10 -6.24 13.86 -22.52
CA LEU A 10 -5.89 13.89 -23.96
C LEU A 10 -4.84 14.96 -24.22
N ARG A 11 -4.89 16.09 -23.50
CA ARG A 11 -3.92 17.20 -23.68
C ARG A 11 -2.51 16.69 -23.37
N ASP A 12 -2.36 15.96 -22.26
CA ASP A 12 -1.04 15.39 -21.88
C ASP A 12 -0.60 14.35 -22.91
N MET A 13 -1.51 13.46 -23.30
CA MET A 13 -1.28 12.41 -24.32
C MET A 13 -0.83 13.04 -25.66
N ARG A 14 -1.39 14.17 -26.06
CA ARG A 14 -0.95 14.91 -27.28
C ARG A 14 0.46 15.42 -27.08
N PHE A 15 0.75 16.01 -25.93
CA PHE A 15 2.10 16.56 -25.63
C PHE A 15 3.15 15.45 -25.75
N VAL A 16 2.88 14.30 -25.12
CA VAL A 16 3.86 13.17 -25.06
C VAL A 16 4.13 12.65 -26.48
N LEU A 17 3.10 12.25 -27.20
CA LEU A 17 3.20 11.59 -28.53
C LEU A 17 3.53 12.61 -29.63
N ASN A 18 2.77 13.69 -29.75
CA ASN A 18 2.88 14.62 -30.91
C ASN A 18 4.03 15.59 -30.69
N GLU A 19 4.25 16.06 -29.46
CA GLU A 19 5.19 17.17 -29.21
C GLU A 19 6.56 16.62 -28.81
N VAL A 20 6.63 15.66 -27.90
CA VAL A 20 7.93 15.16 -27.38
C VAL A 20 8.49 14.11 -28.34
N PHE A 21 7.71 13.06 -28.60
CA PHE A 21 8.14 11.93 -29.44
C PHE A 21 7.89 12.18 -30.93
N GLU A 22 7.04 13.15 -31.31
CA GLU A 22 6.84 13.53 -32.74
C GLU A 22 6.45 12.30 -33.57
N VAL A 23 5.46 11.54 -33.11
CA VAL A 23 5.21 10.15 -33.61
C VAL A 23 4.73 10.22 -35.06
N SER A 24 4.16 11.35 -35.50
CA SER A 24 3.71 11.52 -36.91
C SER A 24 4.93 11.54 -37.84
N ARG A 25 6.02 12.24 -37.48
CA ARG A 25 7.28 12.23 -38.27
C ARG A 25 7.82 10.81 -38.36
N LEU A 26 7.58 9.97 -37.35
CA LEU A 26 8.06 8.55 -37.35
C LEU A 26 7.15 7.69 -38.23
N TRP A 27 5.82 7.90 -38.20
CA TRP A 27 4.82 7.16 -39.03
C TRP A 27 4.98 7.50 -40.52
N ALA A 28 5.50 8.70 -40.83
CA ALA A 28 5.80 9.19 -42.20
C ALA A 28 6.69 8.17 -42.91
N GLN A 29 7.90 7.98 -42.38
CA GLN A 29 8.90 6.97 -42.83
C GLN A 29 8.56 5.61 -42.21
N LEU A 30 7.35 5.11 -42.45
CA LEU A 30 6.89 3.75 -42.06
C LEU A 30 5.71 3.42 -42.96
N PRO A 31 5.94 2.78 -44.12
CA PRO A 31 4.90 2.61 -45.13
C PRO A 31 3.63 1.92 -44.61
N ALA A 32 3.81 0.89 -43.78
CA ALA A 32 2.70 0.03 -43.30
C ALA A 32 1.75 0.84 -42.39
N LEU A 33 2.18 1.99 -41.85
CA LEU A 33 1.36 2.83 -40.95
C LEU A 33 0.77 4.03 -41.70
N ALA A 34 1.52 4.63 -42.62
CA ALA A 34 1.05 5.74 -43.50
C ALA A 34 -0.39 5.46 -43.94
N GLU A 35 -0.66 4.21 -44.30
CA GLU A 35 -1.97 3.70 -44.79
C GLU A 35 -3.07 3.82 -43.73
N VAL A 36 -2.76 3.63 -42.45
CA VAL A 36 -3.82 3.34 -41.45
C VAL A 36 -3.96 4.47 -40.41
N VAL A 37 -2.92 5.30 -40.21
CA VAL A 37 -2.93 6.31 -39.11
C VAL A 37 -2.13 7.55 -39.53
N ASP A 38 -2.59 8.72 -39.06
CA ASP A 38 -1.94 10.05 -39.08
C ASP A 38 -2.42 10.80 -37.84
N ALA A 39 -1.96 12.03 -37.62
CA ALA A 39 -2.27 12.87 -36.43
C ALA A 39 -3.80 13.04 -36.28
N GLU A 40 -4.48 13.37 -37.36
CA GLU A 40 -5.94 13.67 -37.33
C GLU A 40 -6.74 12.38 -37.05
N THR A 41 -6.45 11.30 -37.77
CA THR A 41 -7.01 9.94 -37.51
C THR A 41 -6.82 9.59 -36.01
N ALA A 42 -5.60 9.78 -35.50
CA ALA A 42 -5.23 9.39 -34.11
C ALA A 42 -6.00 10.25 -33.12
N ALA A 43 -6.06 11.57 -33.34
CA ALA A 43 -6.74 12.54 -32.45
C ALA A 43 -8.23 12.19 -32.38
N ALA A 44 -8.85 11.79 -33.51
CA ALA A 44 -10.30 11.50 -33.59
C ALA A 44 -10.63 10.22 -32.80
N ILE A 45 -9.76 9.21 -32.88
CA ILE A 45 -9.87 7.93 -32.12
C ILE A 45 -9.77 8.23 -30.62
N LEU A 46 -8.79 9.03 -30.22
CA LEU A 46 -8.60 9.39 -28.79
C LEU A 46 -9.85 10.15 -28.29
N GLU A 47 -10.37 11.12 -29.04
CA GLU A 47 -11.60 11.84 -28.63
C GLU A 47 -12.72 10.82 -28.40
N GLU A 48 -12.91 9.88 -29.33
CA GLU A 48 -13.97 8.85 -29.23
C GLU A 48 -13.71 7.95 -28.02
N ALA A 49 -12.46 7.55 -27.80
CA ALA A 49 -12.14 6.64 -26.67
C ALA A 49 -12.43 7.38 -25.36
N GLY A 50 -12.09 8.66 -25.29
CA GLY A 50 -12.37 9.49 -24.10
C GLY A 50 -13.86 9.58 -23.77
N LYS A 51 -14.72 9.70 -24.78
CA LYS A 51 -16.18 9.78 -24.57
C LYS A 51 -16.70 8.46 -24.01
N VAL A 52 -16.37 7.34 -24.63
CA VAL A 52 -16.96 6.03 -24.21
C VAL A 52 -16.42 5.64 -22.82
N THR A 53 -15.16 5.94 -22.51
CA THR A 53 -14.54 5.51 -21.21
C THR A 53 -15.15 6.33 -20.09
N ALA A 54 -15.27 7.65 -20.28
CA ALA A 54 -15.85 8.58 -19.30
C ALA A 54 -17.36 8.36 -19.21
N GLY A 55 -18.03 8.17 -20.35
CA GLY A 55 -19.51 8.13 -20.43
C GLY A 55 -20.11 6.81 -19.96
N THR A 56 -19.59 5.66 -20.37
CA THR A 56 -20.30 4.36 -20.18
C THR A 56 -19.50 3.40 -19.29
N ILE A 57 -18.17 3.47 -19.28
CA ILE A 57 -17.33 2.50 -18.49
C ILE A 57 -17.10 3.01 -17.06
N ALA A 58 -16.61 4.24 -16.91
CA ALA A 58 -16.29 4.83 -15.58
C ALA A 58 -17.44 4.74 -14.57
N PRO A 59 -18.69 5.10 -14.92
CA PRO A 59 -19.80 5.03 -13.98
C PRO A 59 -20.07 3.64 -13.38
N LEU A 60 -19.50 2.60 -13.98
CA LEU A 60 -19.74 1.22 -13.51
C LEU A 60 -18.63 0.77 -12.53
N ASN A 61 -17.55 1.53 -12.41
CA ASN A 61 -16.40 1.10 -11.58
C ASN A 61 -16.84 0.82 -10.12
N ARG A 62 -17.34 1.84 -9.43
CA ARG A 62 -17.74 1.66 -8.00
C ARG A 62 -18.82 0.58 -7.87
N PRO A 63 -19.97 0.65 -8.57
CA PRO A 63 -20.99 -0.37 -8.37
C PRO A 63 -20.49 -1.77 -8.74
N GLY A 64 -19.59 -1.86 -9.71
CA GLY A 64 -18.99 -3.15 -10.12
C GLY A 64 -18.21 -3.77 -8.97
N ASP A 65 -17.40 -2.96 -8.29
CA ASP A 65 -16.63 -3.37 -7.08
C ASP A 65 -17.62 -3.82 -6.00
N GLU A 66 -18.71 -3.08 -5.81
CA GLU A 66 -19.64 -3.35 -4.68
C GLU A 66 -20.45 -4.62 -4.94
N GLU A 67 -20.76 -4.91 -6.21
CA GLU A 67 -21.59 -6.10 -6.54
C GLU A 67 -20.67 -7.32 -6.75
N GLY A 68 -19.57 -7.17 -7.49
CA GLY A 68 -18.70 -8.30 -7.88
C GLY A 68 -19.42 -9.29 -8.81
N CYS A 69 -18.73 -10.35 -9.20
CA CYS A 69 -19.27 -11.39 -10.10
C CYS A 69 -19.98 -12.44 -9.26
N GLN A 70 -20.88 -13.22 -9.84
CA GLN A 70 -21.59 -14.33 -9.15
C GLN A 70 -21.40 -15.61 -9.95
N TRP A 71 -21.41 -16.72 -9.22
CA TRP A 71 -21.34 -18.09 -9.78
C TRP A 71 -22.66 -18.79 -9.45
N ASN A 72 -23.37 -19.27 -10.47
CA ASN A 72 -24.65 -20.03 -10.28
C ASN A 72 -24.58 -21.26 -11.18
N ALA A 73 -24.40 -22.44 -10.57
CA ALA A 73 -24.30 -23.74 -11.26
C ALA A 73 -23.44 -23.62 -12.52
N GLY A 74 -22.28 -22.95 -12.42
CA GLY A 74 -21.26 -22.94 -13.49
C GLY A 74 -21.35 -21.71 -14.39
N ALA A 75 -22.46 -21.00 -14.35
CA ALA A 75 -22.63 -19.72 -15.08
C ALA A 75 -22.08 -18.58 -14.23
N VAL A 76 -21.24 -17.75 -14.81
CA VAL A 76 -20.67 -16.56 -14.12
C VAL A 76 -21.34 -15.31 -14.68
N SER A 77 -21.85 -14.46 -13.80
CA SER A 77 -22.50 -13.19 -14.19
C SER A 77 -21.64 -12.03 -13.67
N THR A 78 -21.35 -11.07 -14.55
CA THR A 78 -20.66 -9.81 -14.24
C THR A 78 -21.67 -8.88 -13.57
N PRO A 79 -21.21 -7.76 -12.96
CA PRO A 79 -22.15 -6.81 -12.34
C PRO A 79 -23.13 -6.22 -13.36
N ALA A 80 -24.26 -5.70 -12.86
CA ALA A 80 -25.29 -4.94 -13.62
C ALA A 80 -24.62 -3.93 -14.55
N GLY A 81 -25.04 -3.90 -15.83
CA GLY A 81 -24.52 -2.94 -16.81
C GLY A 81 -23.25 -3.37 -17.55
N PHE A 82 -22.48 -4.34 -17.03
CA PHE A 82 -21.21 -4.76 -17.69
C PHE A 82 -21.51 -5.35 -19.08
N PRO A 83 -22.46 -6.30 -19.27
CA PRO A 83 -22.72 -6.84 -20.61
C PRO A 83 -23.09 -5.74 -21.62
N GLU A 84 -23.96 -4.82 -21.23
CA GLU A 84 -24.46 -3.74 -22.14
C GLU A 84 -23.29 -2.83 -22.46
N ALA A 85 -22.47 -2.47 -21.46
CA ALA A 85 -21.34 -1.56 -21.69
C ALA A 85 -20.30 -2.26 -22.57
N TYR A 86 -20.07 -3.55 -22.37
CA TYR A 86 -19.14 -4.36 -23.20
C TYR A 86 -19.64 -4.39 -24.67
N ARG A 87 -20.93 -4.64 -24.86
CA ARG A 87 -21.57 -4.64 -26.22
C ARG A 87 -21.24 -3.29 -26.88
N THR A 88 -21.55 -2.16 -26.25
CA THR A 88 -21.27 -0.79 -26.78
C THR A 88 -19.77 -0.71 -27.13
N TYR A 89 -18.91 -1.09 -26.19
CA TYR A 89 -17.43 -0.98 -26.37
C TYR A 89 -17.00 -1.77 -27.63
N ALA A 90 -17.45 -3.02 -27.72
CA ALA A 90 -17.07 -3.97 -28.80
C ALA A 90 -17.58 -3.47 -30.15
N GLU A 91 -18.83 -3.03 -30.20
CA GLU A 91 -19.49 -2.49 -31.43
C GLU A 91 -18.79 -1.20 -31.89
N GLY A 92 -18.10 -0.49 -30.99
CA GLY A 92 -17.30 0.70 -31.33
C GLY A 92 -15.94 0.37 -31.93
N GLY A 93 -15.54 -0.92 -31.95
CA GLY A 93 -14.26 -1.37 -32.49
C GLY A 93 -13.13 -1.35 -31.46
N TRP A 94 -13.43 -1.10 -30.19
CA TRP A 94 -12.34 -0.83 -29.20
C TRP A 94 -11.59 -2.11 -28.81
N VAL A 95 -12.24 -3.28 -28.92
CA VAL A 95 -11.58 -4.58 -28.59
C VAL A 95 -10.49 -4.88 -29.64
N GLY A 96 -10.60 -4.38 -30.87
CA GLY A 96 -9.65 -4.67 -31.96
C GLY A 96 -8.85 -3.47 -32.40
N VAL A 97 -8.78 -2.42 -31.59
CA VAL A 97 -8.15 -1.12 -31.98
C VAL A 97 -6.70 -1.36 -32.44
N GLY A 98 -5.95 -2.26 -31.78
CA GLY A 98 -4.54 -2.57 -32.12
C GLY A 98 -4.41 -3.86 -32.93
N GLY A 99 -5.52 -4.48 -33.34
CA GLY A 99 -5.52 -5.79 -34.02
C GLY A 99 -5.18 -5.68 -35.50
N ASP A 100 -4.94 -6.84 -36.14
CA ASP A 100 -4.51 -6.98 -37.55
C ASP A 100 -5.66 -6.67 -38.51
N PRO A 101 -5.54 -5.62 -39.34
CA PRO A 101 -6.60 -5.27 -40.29
C PRO A 101 -6.93 -6.38 -41.30
N ALA A 102 -6.05 -7.37 -41.46
CA ALA A 102 -6.29 -8.53 -42.37
C ALA A 102 -7.48 -9.35 -41.84
N TYR A 103 -7.82 -9.25 -40.55
CA TYR A 103 -8.97 -9.98 -39.93
C TYR A 103 -9.96 -9.01 -39.27
N GLY A 104 -9.90 -7.73 -39.66
CA GLY A 104 -10.87 -6.70 -39.28
C GLY A 104 -10.46 -5.88 -38.04
N GLY A 105 -9.23 -6.01 -37.54
CA GLY A 105 -8.72 -5.12 -36.49
C GLY A 105 -8.47 -3.75 -37.09
N MET A 106 -8.34 -2.72 -36.27
CA MET A 106 -8.18 -1.32 -36.76
C MET A 106 -6.73 -1.07 -37.16
N GLY A 107 -5.80 -1.90 -36.69
CA GLY A 107 -4.37 -1.78 -37.03
C GLY A 107 -3.67 -0.56 -36.44
N MET A 108 -4.17 0.01 -35.34
CA MET A 108 -3.48 1.18 -34.71
C MET A 108 -2.14 0.72 -34.16
N PRO A 109 -1.07 1.53 -34.24
CA PRO A 109 0.19 1.20 -33.62
C PRO A 109 0.05 1.22 -32.07
N LYS A 110 1.03 0.63 -31.39
CA LYS A 110 1.00 0.40 -29.93
C LYS A 110 1.00 1.76 -29.21
N VAL A 111 1.66 2.76 -29.76
CA VAL A 111 1.62 4.11 -29.12
C VAL A 111 0.17 4.58 -28.98
N ILE A 112 -0.73 4.18 -29.87
CA ILE A 112 -2.15 4.66 -29.83
C ILE A 112 -2.98 3.67 -29.02
N SER A 113 -2.81 2.37 -29.22
CA SER A 113 -3.64 1.37 -28.49
C SER A 113 -3.23 1.39 -27.00
N ALA A 114 -1.97 1.67 -26.67
CA ALA A 114 -1.49 1.88 -25.27
C ALA A 114 -2.22 3.05 -24.60
N GLN A 115 -2.49 4.15 -25.33
CA GLN A 115 -3.28 5.28 -24.80
C GLN A 115 -4.73 4.86 -24.55
N VAL A 116 -5.34 4.13 -25.47
CA VAL A 116 -6.72 3.64 -25.28
C VAL A 116 -6.76 2.69 -24.07
N GLU A 117 -5.74 1.87 -23.89
CA GLU A 117 -5.66 0.95 -22.73
C GLU A 117 -5.64 1.79 -21.44
N GLU A 118 -4.85 2.86 -21.42
CA GLU A 118 -4.79 3.75 -20.23
C GLU A 118 -6.19 4.30 -19.93
N LEU A 119 -6.92 4.78 -20.93
CA LEU A 119 -8.25 5.39 -20.70
C LEU A 119 -9.20 4.35 -20.08
N VAL A 120 -9.30 3.16 -20.68
CA VAL A 120 -10.33 2.20 -20.21
C VAL A 120 -9.91 1.69 -18.82
N ASN A 121 -8.62 1.49 -18.62
CA ASN A 121 -8.11 0.94 -17.33
C ASN A 121 -8.26 1.99 -16.22
N SER A 122 -8.11 3.27 -16.54
CA SER A 122 -8.33 4.35 -15.53
C SER A 122 -9.81 4.39 -15.18
N ALA A 123 -10.69 4.25 -16.17
CA ALA A 123 -12.15 4.35 -15.95
C ALA A 123 -12.65 3.18 -15.11
N ASN A 124 -12.14 1.98 -15.38
CA ASN A 124 -12.68 0.77 -14.71
C ASN A 124 -11.71 -0.38 -15.00
N LEU A 125 -10.78 -0.63 -14.08
CA LEU A 125 -9.74 -1.65 -14.34
C LEU A 125 -10.39 -3.04 -14.56
N SER A 126 -11.34 -3.45 -13.74
CA SER A 126 -12.00 -4.77 -13.90
C SER A 126 -12.55 -4.89 -15.33
N PHE A 127 -13.21 -3.84 -15.80
CA PHE A 127 -13.77 -3.80 -17.17
C PHE A 127 -12.64 -3.95 -18.19
N GLY A 128 -11.61 -3.11 -18.08
CA GLY A 128 -10.54 -2.97 -19.08
C GLY A 128 -9.76 -4.27 -19.24
N LEU A 129 -9.66 -5.08 -18.20
CA LEU A 129 -8.89 -6.35 -18.32
C LEU A 129 -9.57 -7.32 -19.29
N TYR A 130 -10.91 -7.30 -19.43
CA TYR A 130 -11.64 -8.29 -20.27
C TYR A 130 -11.16 -8.17 -21.71
N PRO A 131 -11.27 -6.98 -22.36
CA PRO A 131 -10.80 -6.81 -23.74
C PRO A 131 -9.28 -6.94 -23.84
N GLY A 132 -8.56 -6.60 -22.77
CA GLY A 132 -7.11 -6.86 -22.65
C GLY A 132 -6.78 -8.31 -22.94
N LEU A 133 -7.49 -9.26 -22.33
CA LEU A 133 -7.25 -10.71 -22.55
C LEU A 133 -7.39 -11.05 -24.04
N THR A 134 -8.45 -10.56 -24.68
CA THR A 134 -8.83 -10.94 -26.06
C THR A 134 -7.73 -10.45 -26.99
N ALA A 135 -7.30 -9.21 -26.79
CA ALA A 135 -6.25 -8.57 -27.59
C ALA A 135 -4.94 -9.35 -27.46
N GLY A 136 -4.60 -9.77 -26.25
CA GLY A 136 -3.40 -10.58 -25.99
C GLY A 136 -3.50 -11.94 -26.68
N ALA A 137 -4.63 -12.63 -26.52
CA ALA A 137 -4.90 -13.93 -27.16
C ALA A 137 -4.73 -13.79 -28.68
N CYS A 138 -5.28 -12.74 -29.28
CA CYS A 138 -5.16 -12.46 -30.74
C CYS A 138 -3.70 -12.36 -31.16
N LEU A 139 -2.87 -11.65 -30.39
CA LEU A 139 -1.41 -11.51 -30.67
C LEU A 139 -0.76 -12.89 -30.82
N ALA A 140 -1.06 -13.80 -29.90
CA ALA A 140 -0.49 -15.17 -29.91
C ALA A 140 -0.99 -15.91 -31.14
N LEU A 141 -2.30 -15.94 -31.40
CA LEU A 141 -2.87 -16.71 -32.54
C LEU A 141 -2.32 -16.12 -33.84
N ASN A 142 -2.33 -14.81 -33.99
CA ASN A 142 -1.83 -14.15 -35.22
C ASN A 142 -0.39 -14.60 -35.47
N ALA A 143 0.44 -14.60 -34.43
CA ALA A 143 1.88 -14.90 -34.54
C ALA A 143 2.13 -16.39 -34.87
N HIS A 144 1.31 -17.33 -34.39
CA HIS A 144 1.74 -18.76 -34.33
C HIS A 144 0.69 -19.77 -34.79
N ALA A 145 -0.58 -19.40 -34.86
CA ALA A 145 -1.65 -20.33 -35.26
C ALA A 145 -1.59 -20.54 -36.79
N SER A 146 -2.05 -21.70 -37.24
CA SER A 146 -2.25 -22.06 -38.67
C SER A 146 -3.20 -21.06 -39.34
N ASP A 147 -3.14 -20.93 -40.67
CA ASP A 147 -4.12 -20.12 -41.45
C ASP A 147 -5.54 -20.54 -41.07
N GLU A 148 -5.79 -21.84 -40.94
CA GLU A 148 -7.16 -22.37 -40.72
C GLU A 148 -7.72 -21.80 -39.40
N LEU A 149 -6.95 -21.88 -38.31
CA LEU A 149 -7.38 -21.35 -36.99
C LEU A 149 -7.49 -19.83 -37.03
N LYS A 150 -6.49 -19.15 -37.58
CA LYS A 150 -6.54 -17.67 -37.67
C LYS A 150 -7.86 -17.26 -38.35
N ASP A 151 -8.14 -17.85 -39.52
CA ASP A 151 -9.30 -17.50 -40.38
C ASP A 151 -10.59 -17.73 -39.60
N LYS A 152 -10.65 -18.78 -38.79
CA LYS A 152 -11.92 -19.22 -38.15
C LYS A 152 -12.19 -18.35 -36.90
N TYR A 153 -11.17 -17.89 -36.19
CA TYR A 153 -11.31 -17.36 -34.80
C TYR A 153 -11.01 -15.86 -34.71
N LEU A 154 -9.98 -15.37 -35.41
CA LEU A 154 -9.50 -13.98 -35.24
C LEU A 154 -10.58 -12.95 -35.53
N PRO A 155 -11.37 -13.04 -36.64
CA PRO A 155 -12.33 -11.98 -36.95
C PRO A 155 -13.31 -11.66 -35.81
N ASN A 156 -13.86 -12.69 -35.15
CA ASN A 156 -14.87 -12.50 -34.08
C ASN A 156 -14.19 -11.92 -32.84
N MET A 157 -12.92 -12.28 -32.66
CA MET A 157 -12.10 -11.91 -31.49
C MET A 157 -11.68 -10.46 -31.65
N TYR A 158 -11.24 -10.02 -32.83
CA TYR A 158 -10.95 -8.59 -33.08
C TYR A 158 -12.22 -7.74 -32.98
N ALA A 159 -13.38 -8.27 -33.34
CA ALA A 159 -14.68 -7.56 -33.26
C ALA A 159 -15.20 -7.53 -31.83
N GLY A 160 -14.64 -8.39 -30.96
CA GLY A 160 -15.06 -8.53 -29.56
C GLY A 160 -16.32 -9.34 -29.41
N ILE A 161 -16.74 -10.03 -30.47
CA ILE A 161 -17.94 -10.92 -30.42
C ILE A 161 -17.55 -12.20 -29.66
N TRP A 162 -16.31 -12.64 -29.80
CA TRP A 162 -15.75 -13.79 -29.03
C TRP A 162 -14.58 -13.27 -28.19
N ALA A 163 -14.55 -13.59 -26.90
CA ALA A 163 -13.46 -13.19 -25.98
C ALA A 163 -12.37 -14.26 -26.05
N GLY A 164 -11.17 -13.91 -25.56
CA GLY A 164 -10.04 -14.81 -25.33
C GLY A 164 -9.78 -14.99 -23.85
N SER A 165 -9.02 -16.00 -23.46
CA SER A 165 -8.50 -16.20 -22.08
C SER A 165 -7.10 -16.81 -22.20
N MET A 166 -6.28 -16.62 -21.18
CA MET A 166 -4.96 -17.25 -21.02
C MET A 166 -5.09 -18.27 -19.91
N CYS A 167 -5.07 -19.56 -20.25
CA CYS A 167 -5.29 -20.65 -19.28
C CYS A 167 -3.93 -21.30 -19.02
N LEU A 168 -3.14 -20.74 -18.11
CA LEU A 168 -1.73 -21.17 -17.86
C LEU A 168 -1.63 -21.81 -16.48
N THR A 169 -2.03 -21.05 -15.45
CA THR A 169 -1.75 -21.32 -14.02
C THR A 169 -2.54 -22.56 -13.58
N GLU A 170 -1.90 -23.39 -12.77
CA GLU A 170 -2.49 -24.57 -12.08
C GLU A 170 -2.24 -24.37 -10.58
N PRO A 171 -2.94 -25.09 -9.68
CA PRO A 171 -2.74 -24.90 -8.24
C PRO A 171 -1.25 -24.89 -7.83
N HIS A 172 -0.44 -25.83 -8.33
CA HIS A 172 0.98 -26.05 -7.94
C HIS A 172 1.91 -25.25 -8.84
N ALA A 173 1.43 -24.56 -9.88
CA ALA A 173 2.30 -23.99 -10.94
C ALA A 173 1.84 -22.58 -11.30
N GLY A 174 2.58 -21.58 -10.83
CA GLY A 174 2.30 -20.16 -11.14
C GLY A 174 3.44 -19.56 -11.91
N THR A 175 4.49 -19.16 -11.21
CA THR A 175 5.75 -18.68 -11.82
C THR A 175 6.38 -19.82 -12.64
N ASP A 176 6.36 -21.05 -12.10
CA ASP A 176 7.07 -22.24 -12.65
C ASP A 176 6.06 -23.01 -13.53
N LEU A 177 5.82 -22.52 -14.74
CA LEU A 177 4.87 -23.15 -15.69
C LEU A 177 5.44 -24.50 -16.16
N GLY A 178 6.76 -24.68 -16.03
CA GLY A 178 7.48 -25.92 -16.37
C GLY A 178 6.91 -27.17 -15.73
N ILE A 179 6.31 -27.08 -14.54
CA ILE A 179 5.77 -28.27 -13.82
C ILE A 179 4.25 -28.46 -14.06
N ILE A 180 3.66 -27.82 -15.07
CA ILE A 180 2.19 -27.97 -15.32
C ILE A 180 1.88 -29.43 -15.70
N ARG A 181 0.65 -29.88 -15.46
CA ARG A 181 0.20 -31.30 -15.57
C ARG A 181 -1.00 -31.49 -16.52
N THR A 182 -1.68 -30.43 -16.95
CA THR A 182 -2.82 -30.54 -17.90
C THR A 182 -2.36 -31.30 -19.14
N ARG A 183 -3.17 -32.27 -19.56
CA ARG A 183 -2.82 -33.26 -20.60
C ARG A 183 -3.59 -32.95 -21.88
N ALA A 184 -2.95 -33.15 -23.03
CA ALA A 184 -3.53 -33.00 -24.38
C ALA A 184 -3.38 -34.33 -25.13
N GLU A 185 -4.47 -35.08 -25.33
CA GLU A 185 -4.50 -36.39 -26.03
C GLU A 185 -4.74 -36.15 -27.52
N PRO A 186 -3.84 -36.58 -28.44
CA PRO A 186 -4.09 -36.44 -29.88
C PRO A 186 -5.30 -37.30 -30.32
N GLN A 187 -6.15 -36.73 -31.17
CA GLN A 187 -7.35 -37.38 -31.76
C GLN A 187 -7.06 -37.67 -33.24
N ALA A 188 -7.71 -38.69 -33.82
CA ALA A 188 -7.44 -39.05 -35.23
C ALA A 188 -7.87 -37.90 -36.15
N ASP A 189 -8.88 -37.09 -35.77
CA ASP A 189 -9.40 -36.00 -36.63
C ASP A 189 -8.45 -34.79 -36.67
N GLY A 190 -7.27 -34.83 -36.06
CA GLY A 190 -6.33 -33.68 -36.07
C GLY A 190 -6.48 -32.77 -34.83
N SER A 191 -7.57 -32.90 -34.08
CA SER A 191 -7.80 -32.19 -32.79
C SER A 191 -7.09 -32.89 -31.61
N TYR A 192 -7.12 -32.25 -30.45
CA TYR A 192 -6.65 -32.81 -29.16
C TYR A 192 -7.79 -32.73 -28.16
N LYS A 193 -7.75 -33.61 -27.15
CA LYS A 193 -8.67 -33.54 -25.98
C LYS A 193 -7.84 -33.12 -24.77
N ILE A 194 -8.23 -32.01 -24.15
CA ILE A 194 -7.51 -31.40 -23.01
C ILE A 194 -8.21 -31.79 -21.72
N SER A 195 -7.43 -32.26 -20.74
CA SER A 195 -7.92 -32.64 -19.39
C SER A 195 -7.00 -32.05 -18.32
N GLY A 196 -7.59 -31.39 -17.32
CA GLY A 196 -6.83 -30.69 -16.27
C GLY A 196 -7.62 -29.54 -15.69
N THR A 197 -7.12 -28.99 -14.59
CA THR A 197 -7.71 -27.84 -13.87
C THR A 197 -6.72 -26.66 -13.95
N LYS A 198 -7.21 -25.52 -14.40
CA LYS A 198 -6.48 -24.24 -14.38
C LYS A 198 -7.14 -23.39 -13.29
N ILE A 199 -6.37 -22.54 -12.61
CA ILE A 199 -6.93 -21.60 -11.61
C ILE A 199 -6.50 -20.18 -11.93
N PHE A 200 -7.18 -19.22 -11.31
CA PHE A 200 -6.90 -17.77 -11.41
C PHE A 200 -7.09 -17.32 -12.86
N ILE A 201 -8.04 -17.92 -13.60
CA ILE A 201 -8.21 -17.58 -15.03
C ILE A 201 -9.17 -16.38 -15.15
N THR A 202 -8.62 -15.22 -15.48
CA THR A 202 -9.37 -13.95 -15.68
C THR A 202 -10.30 -14.18 -16.89
N GLY A 203 -11.59 -13.88 -16.76
CA GLY A 203 -12.56 -14.07 -17.87
C GLY A 203 -12.60 -15.51 -18.38
N GLY A 204 -12.25 -16.50 -17.57
CA GLY A 204 -12.41 -17.92 -17.93
C GLY A 204 -13.85 -18.22 -18.31
N GLU A 205 -14.77 -17.61 -17.58
CA GLU A 205 -16.23 -17.74 -17.80
C GLU A 205 -16.88 -16.40 -17.41
N HIS A 206 -17.86 -15.96 -18.19
CA HIS A 206 -18.57 -14.68 -17.98
C HIS A 206 -19.76 -14.61 -18.94
N ASP A 207 -20.49 -13.50 -18.90
CA ASP A 207 -21.72 -13.29 -19.68
C ASP A 207 -21.52 -12.12 -20.64
N LEU A 208 -20.30 -11.83 -21.07
CA LEU A 208 -20.07 -10.65 -21.95
C LEU A 208 -20.16 -11.05 -23.42
N THR A 209 -19.80 -12.29 -23.77
CA THR A 209 -19.67 -12.79 -25.15
C THR A 209 -20.36 -14.16 -25.30
N GLU A 210 -20.81 -14.51 -26.51
CA GLU A 210 -21.45 -15.82 -26.79
C GLU A 210 -20.41 -16.95 -26.84
N ASN A 211 -19.13 -16.62 -27.02
CA ASN A 211 -18.05 -17.63 -26.99
C ASN A 211 -16.81 -17.04 -26.30
N ILE A 212 -15.99 -17.92 -25.74
CA ILE A 212 -14.65 -17.61 -25.17
C ILE A 212 -13.65 -18.58 -25.79
N ILE A 213 -12.58 -18.05 -26.36
CA ILE A 213 -11.50 -18.82 -27.03
C ILE A 213 -10.32 -18.92 -26.06
N HIS A 214 -10.21 -20.04 -25.35
CA HIS A 214 -9.16 -20.30 -24.34
C HIS A 214 -7.85 -20.70 -25.01
N LEU A 215 -6.74 -20.08 -24.63
CA LEU A 215 -5.37 -20.51 -24.98
C LEU A 215 -4.80 -21.29 -23.79
N VAL A 216 -4.71 -22.61 -23.93
CA VAL A 216 -4.48 -23.54 -22.80
C VAL A 216 -3.07 -24.13 -22.93
N LEU A 217 -2.25 -24.06 -21.87
CA LEU A 217 -0.93 -24.75 -21.83
C LEU A 217 -1.20 -26.19 -21.36
N ALA A 218 -0.69 -27.17 -22.11
CA ALA A 218 -0.87 -28.60 -21.78
C ALA A 218 0.24 -29.44 -22.41
N LYS A 219 0.33 -30.72 -22.02
CA LYS A 219 1.41 -31.66 -22.43
C LYS A 219 0.79 -32.89 -23.09
N LEU A 220 1.30 -33.24 -24.27
CA LEU A 220 1.01 -34.51 -24.98
C LEU A 220 1.48 -35.67 -24.12
N PRO A 221 0.89 -36.87 -24.28
CA PRO A 221 1.27 -38.06 -23.50
C PRO A 221 2.76 -38.43 -23.52
N ASP A 222 3.41 -38.24 -24.68
CA ASP A 222 4.82 -38.63 -24.93
C ASP A 222 5.75 -37.42 -24.81
N ALA A 223 5.32 -36.35 -24.13
CA ALA A 223 6.07 -35.08 -24.06
C ALA A 223 7.23 -35.22 -23.10
N PRO A 224 8.37 -34.54 -23.37
CA PRO A 224 9.45 -34.40 -22.39
C PRO A 224 8.99 -33.80 -21.04
N ALA A 225 9.75 -34.07 -19.98
CA ALA A 225 9.55 -33.47 -18.65
C ALA A 225 9.95 -31.98 -18.68
N GLY A 226 9.34 -31.17 -17.82
CA GLY A 226 9.70 -29.75 -17.67
C GLY A 226 9.13 -28.92 -18.83
N PRO A 227 9.60 -27.65 -18.96
CA PRO A 227 8.97 -26.67 -19.85
C PRO A 227 9.12 -27.00 -21.35
N LYS A 228 10.04 -27.92 -21.66
CA LYS A 228 10.36 -28.32 -23.05
C LYS A 228 9.32 -29.30 -23.54
N GLY A 229 8.35 -29.70 -22.71
CA GLY A 229 7.26 -30.62 -23.09
C GLY A 229 5.93 -29.90 -23.25
N ILE A 230 5.95 -28.57 -23.13
CA ILE A 230 4.71 -27.74 -22.99
C ILE A 230 4.27 -27.28 -24.38
N SER A 231 2.99 -27.48 -24.68
CA SER A 231 2.33 -27.05 -25.94
C SER A 231 1.13 -26.16 -25.62
N LEU A 232 0.71 -25.38 -26.61
CA LEU A 232 -0.41 -24.41 -26.49
C LEU A 232 -1.53 -24.87 -27.41
N PHE A 233 -2.77 -24.84 -26.90
CA PHE A 233 -3.98 -25.28 -27.61
C PHE A 233 -5.03 -24.17 -27.59
N LEU A 234 -5.75 -24.04 -28.70
CA LEU A 234 -6.97 -23.23 -28.81
C LEU A 234 -8.15 -24.13 -28.44
N VAL A 235 -8.82 -23.81 -27.33
CA VAL A 235 -9.94 -24.61 -26.79
C VAL A 235 -11.14 -23.68 -26.63
N PRO A 236 -12.12 -23.71 -27.57
CA PRO A 236 -13.30 -22.85 -27.44
C PRO A 236 -14.30 -23.34 -26.40
N LYS A 237 -14.99 -22.39 -25.75
CA LYS A 237 -16.07 -22.69 -24.79
C LYS A 237 -17.18 -23.47 -25.54
N VAL A 238 -17.45 -23.03 -26.75
CA VAL A 238 -18.52 -23.58 -27.62
C VAL A 238 -17.85 -23.91 -28.96
N LEU A 239 -17.97 -25.15 -29.43
CA LEU A 239 -17.39 -25.54 -30.75
C LEU A 239 -18.15 -24.77 -31.85
N VAL A 240 -17.47 -24.44 -32.93
CA VAL A 240 -17.99 -23.57 -34.00
C VAL A 240 -18.24 -24.44 -35.26
N ASN A 241 -19.44 -24.34 -35.83
CA ASN A 241 -19.85 -25.02 -37.08
C ASN A 241 -19.08 -24.39 -38.25
N ALA A 242 -18.98 -25.08 -39.39
CA ALA A 242 -18.34 -24.61 -40.64
C ALA A 242 -18.80 -23.18 -40.97
N ASP A 243 -20.10 -22.94 -40.85
CA ASP A 243 -20.74 -21.65 -41.22
C ASP A 243 -20.47 -20.58 -40.15
N GLY A 244 -19.78 -20.93 -39.05
CA GLY A 244 -19.34 -19.96 -38.03
C GLY A 244 -20.38 -19.78 -36.94
N SER A 245 -21.51 -20.49 -37.05
CA SER A 245 -22.58 -20.50 -36.03
C SER A 245 -22.10 -21.38 -34.87
N LEU A 246 -22.67 -21.20 -33.68
CA LEU A 246 -22.30 -21.96 -32.47
C LEU A 246 -22.82 -23.40 -32.61
N GLY A 247 -21.94 -24.39 -32.45
CA GLY A 247 -22.28 -25.82 -32.33
C GLY A 247 -22.40 -26.25 -30.87
N GLU A 248 -21.85 -27.41 -30.55
CA GLU A 248 -22.02 -28.05 -29.22
C GLU A 248 -21.12 -27.33 -28.21
N LYS A 249 -21.63 -27.18 -27.00
CA LYS A 249 -20.88 -26.76 -25.81
C LYS A 249 -19.70 -27.72 -25.63
N ASN A 250 -18.49 -27.19 -25.56
CA ASN A 250 -17.27 -28.01 -25.31
C ASN A 250 -17.29 -28.55 -23.87
N SER A 251 -16.48 -29.57 -23.65
CA SER A 251 -16.43 -30.37 -22.41
C SER A 251 -15.52 -29.67 -21.37
N LEU A 252 -15.92 -28.49 -20.91
CA LEU A 252 -15.19 -27.65 -19.92
C LEU A 252 -16.20 -26.76 -19.17
N GLY A 253 -15.80 -26.28 -17.99
CA GLY A 253 -16.66 -25.38 -17.22
C GLY A 253 -15.91 -24.70 -16.10
N CYS A 254 -16.54 -23.71 -15.52
CA CYS A 254 -16.01 -22.96 -14.37
C CYS A 254 -16.52 -23.61 -13.08
N GLY A 255 -15.64 -24.13 -12.24
CA GLY A 255 -16.04 -24.78 -10.95
C GLY A 255 -16.38 -23.76 -9.85
N SER A 256 -15.78 -22.58 -9.88
CA SER A 256 -15.90 -21.53 -8.84
C SER A 256 -15.18 -20.28 -9.33
N ILE A 257 -15.42 -19.17 -8.65
CA ILE A 257 -14.65 -17.91 -8.85
C ILE A 257 -14.05 -17.49 -7.52
N GLU A 258 -12.98 -16.71 -7.57
CA GLU A 258 -12.22 -16.33 -6.36
C GLU A 258 -12.89 -15.16 -5.64
N HIS A 259 -12.73 -15.11 -4.32
CA HIS A 259 -13.00 -13.90 -3.48
C HIS A 259 -11.67 -13.12 -3.35
N LYS A 260 -11.64 -11.90 -3.86
CA LYS A 260 -10.38 -11.16 -4.09
C LYS A 260 -10.32 -9.85 -3.29
N MET A 261 -9.13 -9.27 -3.21
CA MET A 261 -8.91 -7.92 -2.60
C MET A 261 -9.61 -6.85 -3.44
N GLY A 262 -9.49 -6.95 -4.75
CA GLY A 262 -9.88 -5.92 -5.72
C GLY A 262 -10.20 -6.56 -7.06
N ILE A 263 -10.22 -5.73 -8.09
CA ILE A 263 -10.86 -6.00 -9.40
C ILE A 263 -11.97 -7.03 -9.20
N LYS A 264 -12.96 -6.73 -8.37
CA LYS A 264 -13.98 -7.73 -7.95
C LYS A 264 -14.95 -8.02 -9.11
N ALA A 265 -15.06 -7.11 -10.07
CA ALA A 265 -15.94 -7.30 -11.24
C ALA A 265 -15.20 -8.12 -12.30
N SER A 266 -13.94 -8.52 -12.06
CA SER A 266 -13.13 -9.36 -12.96
C SER A 266 -13.26 -10.81 -12.50
N ALA A 267 -14.00 -11.61 -13.27
CA ALA A 267 -14.27 -13.02 -12.88
C ALA A 267 -12.93 -13.76 -12.95
N THR A 268 -12.53 -14.34 -11.82
CA THR A 268 -11.26 -15.08 -11.66
C THR A 268 -11.61 -16.56 -11.41
N CYS A 269 -11.44 -17.41 -12.42
CA CYS A 269 -12.16 -18.69 -12.52
C CYS A 269 -11.24 -19.89 -12.31
N VAL A 270 -11.75 -20.87 -11.57
CA VAL A 270 -11.24 -22.26 -11.64
C VAL A 270 -11.90 -22.90 -12.88
N MET A 271 -11.08 -23.23 -13.87
CA MET A 271 -11.51 -23.83 -15.17
C MET A 271 -11.16 -25.33 -15.21
N ASN A 272 -12.18 -26.18 -15.33
CA ASN A 272 -12.07 -27.66 -15.43
C ASN A 272 -12.29 -28.07 -16.89
N PHE A 273 -11.27 -28.66 -17.49
CA PHE A 273 -11.29 -29.26 -18.86
C PHE A 273 -11.46 -30.78 -18.68
N ASP A 274 -12.51 -31.35 -19.26
CA ASP A 274 -12.80 -32.81 -19.18
C ASP A 274 -12.82 -33.37 -20.61
N GLY A 275 -11.66 -33.61 -21.19
CA GLY A 275 -11.54 -34.09 -22.58
C GLY A 275 -12.12 -33.06 -23.55
N ALA A 276 -11.82 -31.79 -23.32
CA ALA A 276 -12.29 -30.65 -24.13
C ALA A 276 -11.54 -30.68 -25.46
N THR A 277 -12.27 -30.51 -26.55
CA THR A 277 -11.70 -30.42 -27.91
C THR A 277 -10.96 -29.09 -28.06
N GLY A 278 -9.76 -29.16 -28.60
CA GLY A 278 -8.99 -27.98 -29.00
C GLY A 278 -7.96 -28.35 -30.04
N TRP A 279 -7.20 -27.37 -30.50
CA TRP A 279 -6.29 -27.51 -31.65
C TRP A 279 -4.97 -26.88 -31.27
N LEU A 280 -3.89 -27.47 -31.74
CA LEU A 280 -2.52 -27.03 -31.45
C LEU A 280 -2.32 -25.64 -32.06
N VAL A 281 -1.69 -24.76 -31.30
CA VAL A 281 -1.20 -23.43 -31.74
C VAL A 281 0.33 -23.53 -31.83
N GLY A 282 0.91 -23.14 -32.97
CA GLY A 282 2.37 -23.21 -33.19
C GLY A 282 2.84 -24.66 -33.18
N GLU A 283 3.91 -24.96 -32.45
CA GLU A 283 4.58 -26.27 -32.55
C GLU A 283 4.51 -27.04 -31.23
N VAL A 284 4.44 -28.37 -31.31
CA VAL A 284 4.57 -29.24 -30.12
C VAL A 284 5.83 -28.82 -29.38
N ASN A 285 5.73 -28.77 -28.05
CA ASN A 285 6.82 -28.51 -27.09
C ASN A 285 7.29 -27.05 -27.14
N LYS A 286 6.65 -26.16 -27.91
CA LYS A 286 7.07 -24.73 -27.99
C LYS A 286 5.91 -23.80 -27.56
N GLY A 287 5.08 -24.28 -26.66
CA GLY A 287 3.92 -23.54 -26.10
C GLY A 287 4.34 -22.27 -25.37
N LEU A 288 5.42 -22.31 -24.60
CA LEU A 288 5.90 -21.09 -23.89
C LEU A 288 6.36 -20.08 -24.94
N ALA A 289 7.10 -20.53 -25.94
CA ALA A 289 7.69 -19.62 -26.95
C ALA A 289 6.56 -18.99 -27.78
N ALA A 290 5.43 -19.68 -27.93
CA ALA A 290 4.28 -19.16 -28.71
C ALA A 290 3.67 -17.92 -28.02
N MET A 291 4.01 -17.67 -26.76
CA MET A 291 3.50 -16.51 -26.00
C MET A 291 4.55 -15.40 -25.89
N PHE A 292 5.72 -15.52 -26.51
CA PHE A 292 6.82 -14.54 -26.28
C PHE A 292 6.36 -13.14 -26.74
N THR A 293 5.80 -12.98 -27.94
CA THR A 293 5.38 -11.65 -28.47
C THR A 293 4.24 -11.13 -27.60
N MET A 294 3.31 -12.00 -27.25
CA MET A 294 2.12 -11.61 -26.47
C MET A 294 2.56 -11.05 -25.12
N MET A 295 3.57 -11.65 -24.49
CA MET A 295 4.05 -11.31 -23.14
C MET A 295 4.88 -10.00 -23.18
N ASN A 296 5.59 -9.70 -24.25
CA ASN A 296 6.28 -8.40 -24.40
C ASN A 296 5.27 -7.23 -24.38
N TYR A 297 4.13 -7.40 -25.07
CA TYR A 297 3.05 -6.39 -25.15
C TYR A 297 2.30 -6.36 -23.82
N ALA A 298 2.02 -7.52 -23.21
CA ALA A 298 1.23 -7.66 -21.98
C ALA A 298 1.99 -7.00 -20.81
N ARG A 299 3.32 -7.13 -20.79
CA ARG A 299 4.15 -6.52 -19.72
C ARG A 299 3.98 -5.00 -19.74
N LEU A 300 4.07 -4.36 -20.91
CA LEU A 300 3.78 -2.91 -21.04
C LEU A 300 2.33 -2.70 -20.62
N GLY A 301 1.42 -3.56 -21.08
CA GLY A 301 -0.02 -3.40 -20.80
C GLY A 301 -0.27 -3.37 -19.29
N VAL A 302 0.39 -4.24 -18.53
CA VAL A 302 0.17 -4.34 -17.05
C VAL A 302 0.77 -3.09 -16.38
N GLY A 303 1.94 -2.64 -16.82
CA GLY A 303 2.49 -1.33 -16.43
C GLY A 303 1.43 -0.25 -16.59
N ILE A 304 0.81 -0.20 -17.77
CA ILE A 304 -0.22 0.83 -18.10
C ILE A 304 -1.40 0.64 -17.16
N ALA A 305 -1.78 -0.59 -16.79
CA ALA A 305 -2.89 -0.76 -15.83
C ALA A 305 -2.56 -0.11 -14.48
N GLY A 306 -1.34 -0.26 -13.96
CA GLY A 306 -0.96 0.36 -12.69
C GLY A 306 -0.98 1.87 -12.82
N LEU A 307 -0.35 2.42 -13.85
CA LEU A 307 -0.37 3.88 -14.10
C LEU A 307 -1.82 4.39 -14.18
N ALA A 308 -2.71 3.66 -14.85
CA ALA A 308 -4.11 4.09 -15.01
C ALA A 308 -4.77 4.30 -13.64
N THR A 309 -4.58 3.37 -12.70
CA THR A 309 -5.13 3.53 -11.33
C THR A 309 -4.58 4.81 -10.69
N GLY A 310 -3.31 5.09 -10.92
CA GLY A 310 -2.67 6.29 -10.36
C GLY A 310 -3.22 7.58 -10.95
N GLU A 311 -3.46 7.58 -12.26
CA GLU A 311 -4.00 8.77 -12.93
C GLU A 311 -5.42 9.00 -12.39
N ARG A 312 -6.20 7.93 -12.23
CA ARG A 312 -7.59 8.08 -11.76
C ARG A 312 -7.55 8.64 -10.33
N SER A 313 -6.65 8.11 -9.51
CA SER A 313 -6.52 8.57 -8.10
C SER A 313 -6.18 10.06 -8.05
N TYR A 314 -5.30 10.51 -8.95
CA TYR A 314 -4.89 11.94 -8.97
C TYR A 314 -6.09 12.83 -9.33
N GLN A 315 -6.88 12.41 -10.32
CA GLN A 315 -8.05 13.23 -10.73
C GLN A 315 -8.96 13.43 -9.51
N SER A 316 -9.21 12.37 -8.74
CA SER A 316 -10.06 12.49 -7.52
C SER A 316 -9.36 13.35 -6.45
N ALA A 317 -8.04 13.15 -6.27
CA ALA A 317 -7.31 13.86 -5.20
C ALA A 317 -7.19 15.37 -5.46
N ILE A 318 -6.87 15.76 -6.70
CA ILE A 318 -6.70 17.22 -6.98
C ILE A 318 -8.04 17.94 -6.84
N GLU A 319 -9.14 17.32 -7.26
CA GLU A 319 -10.47 17.93 -7.08
C GLU A 319 -10.74 18.08 -5.58
N TYR A 320 -10.42 17.04 -4.82
CA TYR A 320 -10.72 17.07 -3.37
C TYR A 320 -9.84 18.13 -2.70
N ALA A 321 -8.56 18.18 -3.08
CA ALA A 321 -7.60 19.07 -2.40
C ALA A 321 -7.90 20.54 -2.69
N ARG A 322 -8.61 20.81 -3.78
CA ARG A 322 -9.01 22.20 -4.12
C ARG A 322 -10.33 22.55 -3.41
N GLU A 323 -11.14 21.55 -3.07
CA GLU A 323 -12.47 21.81 -2.49
C GLU A 323 -12.47 21.67 -0.96
N ARG A 324 -11.83 20.64 -0.43
CA ARG A 324 -11.82 20.40 1.03
C ARG A 324 -11.07 21.56 1.68
N ILE A 325 -11.68 22.24 2.64
CA ILE A 325 -10.96 23.27 3.46
C ILE A 325 -10.68 22.70 4.86
N GLN A 326 -9.48 22.96 5.36
CA GLN A 326 -9.05 22.49 6.70
C GLN A 326 -7.80 23.26 7.08
N SER A 327 -7.80 23.91 8.25
CA SER A 327 -6.63 24.62 8.82
C SER A 327 -6.27 25.80 7.91
N ARG A 328 -5.14 26.46 8.13
CA ARG A 328 -4.70 27.65 7.34
C ARG A 328 -3.31 27.39 6.79
N ALA A 329 -3.00 27.96 5.63
CA ALA A 329 -1.65 27.94 5.06
C ALA A 329 -0.67 28.33 6.17
N PRO A 330 0.52 27.70 6.21
CA PRO A 330 1.58 28.07 7.14
C PRO A 330 2.01 29.54 7.10
N THR A 331 2.02 30.16 5.91
CA THR A 331 2.44 31.57 5.74
C THR A 331 1.30 32.54 6.06
N GLY A 332 0.14 32.05 6.47
CA GLY A 332 -0.97 32.92 6.91
C GLY A 332 -2.27 32.63 6.16
N PRO A 333 -3.43 32.88 6.80
CA PRO A 333 -4.72 32.56 6.20
C PRO A 333 -4.85 33.08 4.77
N VAL A 334 -5.32 32.23 3.84
CA VAL A 334 -5.49 32.57 2.39
C VAL A 334 -6.96 32.89 2.10
N ALA A 335 -7.90 32.04 2.54
CA ALA A 335 -9.36 32.21 2.30
C ALA A 335 -9.95 33.05 3.45
N LYS A 336 -9.85 34.37 3.32
CA LYS A 336 -10.11 35.33 4.42
C LYS A 336 -11.63 35.38 4.71
N ASP A 337 -12.44 35.10 3.69
CA ASP A 337 -13.91 35.10 3.75
C ASP A 337 -14.44 33.72 4.21
N LYS A 338 -13.56 32.77 4.54
CA LYS A 338 -13.97 31.38 4.86
C LYS A 338 -13.41 30.98 6.22
N ALA A 339 -13.87 29.85 6.76
CA ALA A 339 -13.49 29.34 8.09
C ALA A 339 -12.12 28.62 8.02
N ALA A 340 -11.67 28.28 6.82
CA ALA A 340 -10.44 27.47 6.61
C ALA A 340 -9.99 27.58 5.14
N ASP A 341 -8.76 27.17 4.87
CA ASP A 341 -8.13 27.22 3.54
C ASP A 341 -8.25 25.88 2.83
N PRO A 342 -8.32 25.89 1.46
CA PRO A 342 -8.25 24.66 0.67
C PRO A 342 -6.96 23.90 1.05
N ILE A 343 -7.06 22.58 1.26
CA ILE A 343 -5.92 21.80 1.81
C ILE A 343 -4.68 21.81 0.89
N ILE A 344 -4.86 22.18 -0.37
CA ILE A 344 -3.72 22.27 -1.32
C ILE A 344 -2.67 23.30 -0.85
N VAL A 345 -3.04 24.14 0.12
CA VAL A 345 -2.10 25.19 0.63
C VAL A 345 -1.01 24.53 1.49
N HIS A 346 -1.29 23.34 2.02
CA HIS A 346 -0.39 22.66 3.00
C HIS A 346 0.77 21.98 2.29
N PRO A 347 2.03 22.24 2.72
CA PRO A 347 3.21 21.60 2.12
C PRO A 347 3.07 20.08 1.97
N ASP A 348 2.62 19.38 3.00
CA ASP A 348 2.53 17.90 2.94
C ASP A 348 1.53 17.44 1.85
N VAL A 349 0.41 18.16 1.68
CA VAL A 349 -0.60 17.79 0.65
C VAL A 349 -0.01 18.02 -0.74
N ARG A 350 0.69 19.14 -0.91
CA ARG A 350 1.35 19.43 -2.20
C ARG A 350 2.40 18.35 -2.50
N ARG A 351 3.17 17.96 -1.49
CA ARG A 351 4.18 16.88 -1.68
C ARG A 351 3.50 15.61 -2.22
N MET A 352 2.43 15.18 -1.56
CA MET A 352 1.72 13.95 -1.99
C MET A 352 1.16 14.14 -3.40
N LEU A 353 0.52 15.29 -3.66
CA LEU A 353 -0.07 15.56 -4.99
C LEU A 353 1.03 15.56 -6.05
N LEU A 354 2.15 16.23 -5.76
CA LEU A 354 3.21 16.38 -6.80
C LEU A 354 3.93 15.04 -7.02
N THR A 355 3.96 14.19 -6.00
CA THR A 355 4.57 12.85 -6.15
C THR A 355 3.71 12.06 -7.14
N MET A 356 2.40 12.06 -6.92
CA MET A 356 1.47 11.39 -7.86
C MET A 356 1.61 11.99 -9.26
N LYS A 357 1.57 13.32 -9.36
CA LYS A 357 1.61 14.00 -10.67
C LYS A 357 2.89 13.62 -11.43
N ALA A 358 4.04 13.68 -10.76
CA ALA A 358 5.33 13.43 -11.43
C ALA A 358 5.48 11.94 -11.78
N LEU A 359 5.00 11.07 -10.93
CA LEU A 359 5.04 9.61 -11.24
C LEU A 359 4.06 9.30 -12.39
N ASN A 360 2.84 9.85 -12.36
CA ASN A 360 1.85 9.60 -13.44
C ASN A 360 2.38 10.13 -14.77
N GLU A 361 2.85 11.37 -14.82
CA GLU A 361 3.31 12.00 -16.08
C GLU A 361 4.61 11.36 -16.57
N GLY A 362 5.55 11.08 -15.67
CA GLY A 362 6.76 10.31 -15.97
C GLY A 362 6.43 8.95 -16.52
N GLY A 363 5.57 8.20 -15.84
CA GLY A 363 5.13 6.86 -16.27
C GLY A 363 4.48 6.92 -17.64
N ARG A 364 3.63 7.92 -17.87
CA ARG A 364 2.89 8.03 -19.15
C ARG A 364 3.93 8.15 -20.27
N ALA A 365 4.89 9.06 -20.10
CA ALA A 365 6.01 9.27 -21.03
C ALA A 365 6.81 7.96 -21.22
N PHE A 366 7.13 7.23 -20.14
CA PHE A 366 7.90 5.97 -20.26
C PHE A 366 7.06 4.93 -21.03
N SER A 367 5.76 4.84 -20.77
CA SER A 367 4.85 3.86 -21.45
C SER A 367 4.83 4.16 -22.96
N SER A 368 4.74 5.43 -23.34
CA SER A 368 4.79 5.86 -24.76
C SER A 368 6.16 5.56 -25.36
N TYR A 369 7.25 5.71 -24.60
CA TYR A 369 8.61 5.42 -25.10
C TYR A 369 8.73 3.93 -25.40
N VAL A 370 8.27 3.10 -24.49
CA VAL A 370 8.33 1.63 -24.69
C VAL A 370 7.43 1.26 -25.88
N ALA A 371 6.20 1.76 -25.92
CA ALA A 371 5.27 1.54 -27.05
C ALA A 371 5.95 1.90 -28.36
N MET A 372 6.70 3.01 -28.38
CA MET A 372 7.44 3.47 -29.56
C MET A 372 8.48 2.40 -29.94
N GLN A 373 9.13 1.75 -28.98
CA GLN A 373 10.15 0.70 -29.27
C GLN A 373 9.44 -0.52 -29.87
N LEU A 374 8.30 -0.92 -29.31
CA LEU A 374 7.49 -2.04 -29.87
C LEU A 374 7.11 -1.74 -31.34
N ASP A 375 6.68 -0.50 -31.64
CA ASP A 375 6.27 -0.08 -33.00
C ASP A 375 7.47 -0.10 -33.95
N THR A 376 8.62 0.44 -33.52
CA THR A 376 9.86 0.46 -34.32
C THR A 376 10.25 -0.99 -34.64
N ALA A 377 10.24 -1.88 -33.64
CA ALA A 377 10.58 -3.32 -33.76
C ALA A 377 9.67 -3.97 -34.81
N LYS A 378 8.38 -3.62 -34.82
CA LYS A 378 7.39 -4.27 -35.70
C LYS A 378 7.50 -3.70 -37.13
N TYR A 379 7.64 -2.39 -37.30
CA TYR A 379 7.25 -1.72 -38.57
C TYR A 379 8.47 -1.20 -39.34
N SER A 380 9.63 -1.02 -38.72
CA SER A 380 10.81 -0.39 -39.38
C SER A 380 11.25 -1.26 -40.56
N GLU A 381 11.64 -0.63 -41.69
CA GLU A 381 12.19 -1.34 -42.88
C GLU A 381 13.69 -1.60 -42.67
N ASP A 382 14.31 -0.91 -41.72
CA ASP A 382 15.76 -0.94 -41.45
C ASP A 382 16.02 -2.03 -40.38
N ALA A 383 16.75 -3.10 -40.74
CA ALA A 383 17.10 -4.23 -39.84
C ALA A 383 17.89 -3.73 -38.63
N VAL A 384 18.84 -2.80 -38.81
CA VAL A 384 19.64 -2.21 -37.70
C VAL A 384 18.68 -1.57 -36.67
N THR A 385 17.79 -0.70 -37.16
CA THR A 385 16.75 -0.01 -36.36
C THR A 385 15.86 -1.06 -35.68
N ARG A 386 15.30 -2.00 -36.44
CA ARG A 386 14.40 -3.05 -35.90
C ARG A 386 15.13 -3.78 -34.76
N LYS A 387 16.37 -4.24 -35.01
CA LYS A 387 17.13 -5.06 -34.04
C LYS A 387 17.34 -4.25 -32.74
N ARG A 388 17.77 -3.00 -32.85
CA ARG A 388 18.02 -2.15 -31.66
C ARG A 388 16.70 -1.97 -30.89
N ALA A 389 15.60 -1.71 -31.60
CA ALA A 389 14.27 -1.56 -30.97
C ALA A 389 13.94 -2.86 -30.22
N GLU A 390 14.23 -4.02 -30.80
CA GLU A 390 13.87 -5.31 -30.13
C GLU A 390 14.67 -5.44 -28.83
N GLU A 391 15.90 -4.96 -28.86
CA GLU A 391 16.84 -5.07 -27.71
C GLU A 391 16.31 -4.17 -26.57
N LEU A 392 15.84 -2.97 -26.91
CA LEU A 392 15.27 -2.01 -25.92
C LEU A 392 13.93 -2.54 -25.41
N VAL A 393 13.12 -3.15 -26.27
CA VAL A 393 11.87 -3.84 -25.84
C VAL A 393 12.24 -4.89 -24.78
N ALA A 394 13.24 -5.72 -25.06
CA ALA A 394 13.69 -6.80 -24.14
C ALA A 394 14.12 -6.18 -22.81
N LEU A 395 14.88 -5.11 -22.84
CA LEU A 395 15.42 -4.43 -21.65
C LEU A 395 14.28 -3.75 -20.89
N LEU A 396 13.44 -2.98 -21.59
CA LEU A 396 12.55 -1.97 -20.93
C LEU A 396 11.19 -2.54 -20.56
N THR A 397 10.71 -3.61 -21.19
CA THR A 397 9.36 -4.13 -20.85
C THR A 397 9.31 -4.62 -19.40
N PRO A 398 10.31 -5.34 -18.83
CA PRO A 398 10.25 -5.69 -17.40
C PRO A 398 10.26 -4.46 -16.48
N VAL A 399 10.95 -3.39 -16.87
CA VAL A 399 10.98 -2.12 -16.11
C VAL A 399 9.57 -1.53 -16.16
N ALA A 400 8.96 -1.47 -17.35
CA ALA A 400 7.59 -0.95 -17.52
C ALA A 400 6.64 -1.73 -16.62
N LYS A 401 6.74 -3.04 -16.59
CA LYS A 401 5.79 -3.88 -15.84
C LYS A 401 5.91 -3.55 -14.34
N ALA A 402 7.10 -3.73 -13.77
CA ALA A 402 7.30 -3.67 -12.30
C ALA A 402 7.37 -2.21 -11.83
N PHE A 403 8.03 -1.30 -12.53
CA PHE A 403 8.18 0.10 -12.07
C PHE A 403 6.83 0.83 -12.18
N LEU A 404 6.11 0.72 -13.30
CA LEU A 404 4.85 1.51 -13.42
C LEU A 404 3.86 0.99 -12.37
N THR A 405 3.91 -0.31 -12.05
CA THR A 405 2.93 -0.88 -11.11
C THR A 405 3.35 -0.52 -9.68
N ASP A 406 4.65 -0.59 -9.37
CA ASP A 406 5.14 -0.24 -8.01
C ASP A 406 4.86 1.25 -7.76
N MET A 407 5.14 2.11 -8.74
CA MET A 407 4.91 3.57 -8.63
C MET A 407 3.41 3.86 -8.63
N GLY A 408 2.64 3.09 -9.39
CA GLY A 408 1.18 3.15 -9.36
C GLY A 408 0.67 2.94 -7.94
N LEU A 409 1.18 1.92 -7.24
CA LEU A 409 0.70 1.61 -5.87
C LEU A 409 0.98 2.83 -4.98
N GLU A 410 2.22 3.30 -4.94
CA GLU A 410 2.59 4.48 -4.13
C GLU A 410 1.65 5.64 -4.47
N THR A 411 1.42 5.88 -5.75
CA THR A 411 0.53 6.96 -6.26
C THR A 411 -0.87 6.80 -5.66
N THR A 412 -1.47 5.60 -5.71
CA THR A 412 -2.84 5.38 -5.20
C THR A 412 -2.87 5.54 -3.67
N ILE A 413 -1.81 5.13 -2.98
CA ILE A 413 -1.67 5.32 -1.51
C ILE A 413 -1.69 6.82 -1.18
N HIS A 414 -0.84 7.60 -1.84
CA HIS A 414 -0.87 9.08 -1.71
C HIS A 414 -2.28 9.62 -1.99
N GLY A 415 -2.93 9.16 -3.05
CA GLY A 415 -4.26 9.67 -3.43
C GLY A 415 -5.29 9.45 -2.36
N GLN A 416 -5.23 8.30 -1.69
CA GLN A 416 -6.11 7.98 -0.55
C GLN A 416 -5.69 8.83 0.67
N GLN A 417 -4.40 8.89 0.98
CA GLN A 417 -3.88 9.56 2.20
C GLN A 417 -4.23 11.07 2.17
N ILE A 418 -4.25 11.68 0.99
CA ILE A 418 -4.59 13.12 0.82
C ILE A 418 -5.96 13.39 1.43
N PHE A 419 -6.91 12.46 1.29
CA PHE A 419 -8.28 12.65 1.81
C PHE A 419 -8.32 12.53 3.34
N GLY A 420 -7.24 12.11 4.00
CA GLY A 420 -7.29 11.77 5.44
C GLY A 420 -8.27 10.63 5.71
N GLY A 421 -9.00 10.70 6.83
CA GLY A 421 -10.03 9.70 7.20
C GLY A 421 -11.04 9.46 6.11
N HIS A 422 -11.45 10.50 5.38
CA HIS A 422 -12.42 10.35 4.26
C HIS A 422 -11.90 9.31 3.25
N GLY A 423 -10.58 9.22 3.05
CA GLY A 423 -9.96 8.32 2.06
C GLY A 423 -10.21 6.85 2.38
N PHE A 424 -10.56 6.54 3.63
CA PHE A 424 -10.79 5.14 4.06
C PHE A 424 -12.22 4.72 3.70
N ILE A 425 -13.04 5.66 3.24
CA ILE A 425 -14.49 5.42 3.04
C ILE A 425 -14.71 5.05 1.57
N ARG A 426 -15.41 3.94 1.30
CA ARG A 426 -15.46 3.33 -0.06
C ARG A 426 -16.09 4.30 -1.07
N GLU A 427 -17.06 5.12 -0.66
CA GLU A 427 -17.83 5.98 -1.59
C GLU A 427 -16.93 6.94 -2.36
N TRP A 428 -15.79 7.36 -1.79
CA TRP A 428 -14.81 8.29 -2.45
C TRP A 428 -13.98 7.59 -3.54
N GLY A 429 -13.95 6.26 -3.58
CA GLY A 429 -13.30 5.51 -4.66
C GLY A 429 -11.80 5.36 -4.53
N GLN A 430 -11.14 6.05 -3.60
CA GLN A 430 -9.65 6.05 -3.47
C GLN A 430 -9.20 4.69 -2.93
N GLU A 431 -9.95 4.09 -2.01
CA GLU A 431 -9.48 2.81 -1.39
C GLU A 431 -9.60 1.72 -2.46
N GLN A 432 -10.63 1.74 -3.30
CA GLN A 432 -10.74 0.72 -4.39
C GLN A 432 -9.50 0.77 -5.31
N LEU A 433 -9.05 1.97 -5.65
CA LEU A 433 -7.90 2.10 -6.60
C LEU A 433 -6.64 1.48 -6.00
N VAL A 434 -6.50 1.53 -4.68
CA VAL A 434 -5.33 0.86 -4.03
C VAL A 434 -5.50 -0.64 -4.22
N ARG A 435 -6.71 -1.13 -3.94
CA ARG A 435 -6.97 -2.58 -4.04
C ARG A 435 -6.83 -3.06 -5.49
N ASP A 436 -7.34 -2.29 -6.45
CA ASP A 436 -7.26 -2.65 -7.89
C ASP A 436 -5.78 -2.61 -8.30
N CYS A 437 -5.05 -1.60 -7.86
CA CYS A 437 -3.63 -1.44 -8.24
C CYS A 437 -2.80 -2.64 -7.75
N ARG A 438 -3.10 -3.19 -6.58
CA ARG A 438 -2.31 -4.34 -6.06
C ARG A 438 -2.33 -5.51 -7.04
N ILE A 439 -3.37 -5.67 -7.86
CA ILE A 439 -3.45 -6.82 -8.81
C ILE A 439 -2.35 -6.68 -9.84
N THR A 440 -1.98 -5.45 -10.21
CA THR A 440 -1.07 -5.21 -11.35
C THR A 440 0.32 -5.71 -10.97
N GLN A 441 0.65 -5.77 -9.68
CA GLN A 441 2.00 -6.16 -9.22
C GLN A 441 2.15 -7.69 -9.21
N ILE A 442 1.06 -8.43 -9.45
CA ILE A 442 1.13 -9.92 -9.59
C ILE A 442 0.45 -10.41 -10.89
N TYR A 443 -0.10 -9.51 -11.73
CA TYR A 443 -0.75 -9.87 -13.01
C TYR A 443 0.33 -10.06 -14.07
N GLU A 444 0.25 -11.12 -14.90
CA GLU A 444 1.32 -11.48 -15.88
C GLU A 444 2.64 -11.72 -15.12
N GLY A 445 2.56 -12.31 -13.93
CA GLY A 445 3.75 -12.63 -13.13
C GLY A 445 4.03 -11.59 -12.04
N THR A 446 4.73 -12.01 -11.01
CA THR A 446 5.09 -11.13 -9.89
C THR A 446 6.13 -10.15 -10.38
N ASN A 447 6.19 -9.00 -9.73
CA ASN A 447 7.18 -7.94 -10.04
C ASN A 447 8.59 -8.47 -9.74
N GLY A 448 8.77 -9.27 -8.70
CA GLY A 448 10.07 -9.85 -8.37
C GLY A 448 10.61 -10.73 -9.49
N ILE A 449 9.74 -11.44 -10.19
CA ILE A 449 10.12 -12.23 -11.39
C ILE A 449 10.51 -11.30 -12.56
N GLN A 450 9.77 -10.21 -12.79
CA GLN A 450 10.18 -9.19 -13.78
C GLN A 450 11.57 -8.64 -13.43
N ALA A 451 11.82 -8.30 -12.17
CA ALA A 451 13.11 -7.73 -11.75
C ALA A 451 14.24 -8.74 -12.01
N LEU A 452 13.99 -10.01 -11.68
CA LEU A 452 14.99 -11.09 -11.92
C LEU A 452 15.29 -11.22 -13.42
N ASP A 453 14.27 -11.13 -14.28
CA ASP A 453 14.44 -11.14 -15.76
C ASP A 453 15.37 -9.99 -16.13
N LEU A 454 15.11 -8.78 -15.64
CA LEU A 454 15.90 -7.58 -16.02
C LEU A 454 17.39 -7.84 -15.72
N VAL A 455 17.69 -8.16 -14.47
CA VAL A 455 19.11 -8.22 -14.02
C VAL A 455 19.74 -9.52 -14.56
N GLY A 456 19.00 -10.62 -14.55
CA GLY A 456 19.54 -11.93 -14.96
C GLY A 456 19.74 -12.05 -16.47
N ARG A 457 18.70 -11.77 -17.24
CA ARG A 457 18.73 -11.98 -18.71
C ARG A 457 19.17 -10.70 -19.43
N LYS A 458 18.59 -9.55 -19.08
CA LYS A 458 18.72 -8.33 -19.93
C LYS A 458 20.01 -7.58 -19.58
N VAL A 459 20.48 -7.68 -18.34
CA VAL A 459 21.77 -7.03 -17.95
C VAL A 459 22.89 -8.08 -18.02
N ILE A 460 22.92 -9.05 -17.10
CA ILE A 460 23.99 -10.07 -17.04
C ILE A 460 23.98 -10.79 -18.39
N GLY A 461 22.81 -11.26 -18.81
CA GLY A 461 22.62 -12.02 -20.06
C GLY A 461 23.21 -11.32 -21.27
N SER A 462 23.25 -9.98 -21.31
CA SER A 462 23.77 -9.21 -22.48
C SER A 462 25.15 -8.60 -22.18
N GLY A 463 25.81 -8.97 -21.08
CA GLY A 463 27.01 -8.28 -20.57
C GLY A 463 26.81 -6.76 -20.44
N GLY A 464 25.59 -6.30 -20.19
CA GLY A 464 25.25 -4.87 -20.07
C GLY A 464 25.11 -4.14 -21.40
N ALA A 465 25.24 -4.84 -22.53
CA ALA A 465 25.18 -4.20 -23.86
C ALA A 465 23.81 -3.56 -24.09
N PHE A 466 22.73 -4.25 -23.74
CA PHE A 466 21.36 -3.68 -23.91
C PHE A 466 21.28 -2.34 -23.16
N SER A 467 21.77 -2.30 -21.93
CA SER A 467 21.73 -1.08 -21.08
C SER A 467 22.54 0.02 -21.74
N ARG A 468 23.74 -0.30 -22.21
CA ARG A 468 24.66 0.66 -22.88
C ARG A 468 23.99 1.19 -24.15
N HIS A 469 23.12 0.43 -24.83
CA HIS A 469 22.33 0.96 -25.97
C HIS A 469 21.44 2.09 -25.45
N PHE A 470 20.70 1.85 -24.36
CA PHE A 470 19.79 2.83 -23.75
C PHE A 470 20.61 4.03 -23.31
N THR A 471 21.65 3.81 -22.50
CA THR A 471 22.43 4.92 -21.89
C THR A 471 23.20 5.69 -22.98
N ASP A 472 23.61 5.03 -24.07
CA ASP A 472 24.25 5.72 -25.21
C ASP A 472 23.30 6.82 -25.70
N GLU A 473 22.00 6.50 -25.84
CA GLU A 473 20.98 7.44 -26.36
C GLU A 473 20.86 8.59 -25.37
N ILE A 474 20.79 8.29 -24.08
CA ILE A 474 20.62 9.32 -23.02
C ILE A 474 21.81 10.28 -23.07
N LYS A 475 23.05 9.76 -23.14
CA LYS A 475 24.27 10.61 -23.12
C LYS A 475 24.34 11.45 -24.39
N ALA A 476 23.84 10.95 -25.52
CA ALA A 476 23.84 11.74 -26.77
C ALA A 476 22.86 12.90 -26.55
N PHE A 477 21.73 12.62 -25.90
CA PHE A 477 20.73 13.66 -25.57
C PHE A 477 21.40 14.71 -24.66
N VAL A 478 22.12 14.26 -23.65
CA VAL A 478 22.81 15.18 -22.69
C VAL A 478 23.81 16.05 -23.45
N ALA A 479 24.61 15.45 -24.32
CA ALA A 479 25.67 16.14 -25.11
C ALA A 479 25.04 17.26 -25.94
N SER A 480 23.80 17.09 -26.35
CA SER A 480 23.06 18.01 -27.26
C SER A 480 22.45 19.21 -26.51
N ALA A 481 22.32 19.14 -25.19
CA ALA A 481 21.49 20.08 -24.40
C ALA A 481 22.13 21.48 -24.43
N ASP A 482 21.33 22.51 -24.65
CA ASP A 482 21.75 23.93 -24.47
C ASP A 482 21.75 24.26 -22.97
N GLU A 483 22.10 25.52 -22.64
CA GLU A 483 22.37 26.01 -21.25
C GLU A 483 21.13 25.78 -20.37
N ALA A 484 19.97 26.23 -20.82
CA ALA A 484 18.67 26.15 -20.09
C ALA A 484 18.32 24.69 -19.77
N LEU A 485 18.52 23.78 -20.73
CA LEU A 485 18.16 22.35 -20.59
C LEU A 485 19.16 21.70 -19.64
N GLY A 486 20.35 22.29 -19.49
CA GLY A 486 21.38 21.87 -18.51
C GLY A 486 20.83 21.73 -17.09
N GLU A 487 19.86 22.57 -16.71
CA GLU A 487 19.15 22.45 -15.41
C GLU A 487 18.76 20.98 -15.20
N PHE A 488 18.31 20.29 -16.25
CA PHE A 488 17.76 18.92 -16.16
C PHE A 488 18.78 17.88 -16.61
N SER A 489 19.55 18.19 -17.67
CA SER A 489 20.45 17.22 -18.32
C SER A 489 21.63 16.91 -17.40
N LYS A 490 22.06 17.89 -16.59
CA LYS A 490 23.23 17.77 -15.69
C LYS A 490 22.93 16.71 -14.62
N PRO A 491 21.86 16.82 -13.80
CA PRO A 491 21.51 15.74 -12.88
C PRO A 491 21.11 14.42 -13.56
N LEU A 492 20.55 14.48 -14.78
CA LEU A 492 20.29 13.25 -15.58
C LEU A 492 21.61 12.53 -15.84
N ALA A 493 22.64 13.23 -16.30
CA ALA A 493 23.97 12.62 -16.57
C ALA A 493 24.51 11.98 -15.30
N ALA A 494 24.29 12.60 -14.14
CA ALA A 494 24.82 12.08 -12.86
C ALA A 494 24.04 10.81 -12.50
N ALA A 495 22.75 10.78 -12.78
CA ALA A 495 21.89 9.60 -12.53
C ALA A 495 22.36 8.46 -13.44
N VAL A 496 22.73 8.79 -14.68
CA VAL A 496 23.15 7.76 -15.69
C VAL A 496 24.49 7.19 -15.21
N GLU A 497 25.39 8.06 -14.77
CA GLU A 497 26.72 7.65 -14.24
C GLU A 497 26.48 6.70 -13.05
N ASN A 498 25.57 7.05 -12.15
CA ASN A 498 25.29 6.21 -10.96
C ASN A 498 24.81 4.82 -11.42
N LEU A 499 23.94 4.78 -12.41
CA LEU A 499 23.31 3.51 -12.88
C LEU A 499 24.38 2.64 -13.53
N GLU A 500 25.25 3.25 -14.35
CA GLU A 500 26.34 2.55 -15.06
C GLU A 500 27.32 1.94 -14.06
N GLU A 501 27.64 2.66 -12.99
CA GLU A 501 28.56 2.16 -11.93
C GLU A 501 27.89 1.01 -11.20
N LEU A 502 26.60 1.11 -10.91
CA LEU A 502 25.85 0.04 -10.21
C LEU A 502 25.82 -1.20 -11.10
N THR A 503 25.60 -1.00 -12.41
CA THR A 503 25.58 -2.08 -13.42
C THR A 503 26.94 -2.81 -13.41
N ALA A 504 28.04 -2.07 -13.52
CA ALA A 504 29.42 -2.62 -13.46
C ALA A 504 29.62 -3.36 -12.13
N TRP A 505 29.19 -2.79 -11.00
CA TRP A 505 29.31 -3.46 -9.68
C TRP A 505 28.59 -4.80 -9.76
N LEU A 506 27.41 -4.82 -10.38
CA LEU A 506 26.55 -6.02 -10.34
C LEU A 506 27.12 -7.12 -11.27
N LEU A 507 27.56 -6.76 -12.47
CA LEU A 507 28.18 -7.73 -13.44
C LEU A 507 29.35 -8.43 -12.74
N ASP A 508 30.19 -7.67 -12.03
CA ASP A 508 31.35 -8.25 -11.30
C ASP A 508 30.86 -9.13 -10.14
N ARG A 509 29.93 -8.64 -9.33
CA ARG A 509 29.54 -9.31 -8.08
C ARG A 509 28.80 -10.62 -8.37
N ALA A 510 28.04 -10.69 -9.47
CA ALA A 510 27.23 -11.88 -9.83
C ALA A 510 28.13 -13.05 -10.26
N LYS A 511 29.36 -12.79 -10.70
CA LYS A 511 30.24 -13.87 -11.25
C LYS A 511 30.46 -14.95 -10.20
N GLY A 512 30.00 -16.16 -10.48
CA GLY A 512 30.08 -17.35 -9.60
C GLY A 512 29.18 -17.26 -8.38
N ASN A 513 28.34 -16.21 -8.25
CA ASN A 513 27.54 -15.93 -7.03
C ASN A 513 26.08 -15.72 -7.40
N PRO A 514 25.32 -16.79 -7.73
CA PRO A 514 23.95 -16.66 -8.24
C PRO A 514 22.97 -15.88 -7.32
N ASN A 515 23.19 -15.89 -6.01
CA ASN A 515 22.26 -15.22 -5.05
C ASN A 515 22.30 -13.69 -5.29
N GLU A 516 23.40 -13.17 -5.82
CA GLU A 516 23.58 -11.70 -5.97
C GLU A 516 22.56 -11.15 -6.97
N ILE A 517 22.11 -11.97 -7.92
CA ILE A 517 21.25 -11.46 -9.02
C ILE A 517 19.89 -11.13 -8.43
N GLY A 518 19.25 -12.12 -7.77
CA GLY A 518 17.94 -11.93 -7.15
C GLY A 518 17.98 -10.92 -6.01
N ALA A 519 19.08 -10.87 -5.25
CA ALA A 519 19.29 -9.93 -4.12
C ALA A 519 19.21 -8.50 -4.63
N ALA A 520 19.84 -8.21 -5.76
CA ALA A 520 19.90 -6.86 -6.37
C ALA A 520 18.58 -6.49 -7.06
N SER A 521 17.82 -7.50 -7.49
CA SER A 521 16.86 -7.37 -8.62
C SER A 521 15.90 -6.18 -8.44
N VAL A 522 15.04 -6.22 -7.42
CA VAL A 522 13.89 -5.26 -7.33
C VAL A 522 14.45 -3.85 -7.11
N GLU A 523 15.42 -3.69 -6.22
CA GLU A 523 15.89 -2.33 -5.91
C GLU A 523 16.67 -1.79 -7.10
N TYR A 524 17.40 -2.64 -7.82
CA TYR A 524 18.15 -2.23 -9.04
C TYR A 524 17.15 -1.76 -10.07
N LEU A 525 16.06 -2.50 -10.25
CA LEU A 525 15.00 -2.12 -11.21
C LEU A 525 14.44 -0.75 -10.82
N HIS A 526 14.30 -0.45 -9.52
CA HIS A 526 13.81 0.90 -9.10
C HIS A 526 14.86 1.96 -9.47
N VAL A 527 16.15 1.68 -9.27
CA VAL A 527 17.20 2.68 -9.65
C VAL A 527 17.07 2.96 -11.15
N PHE A 528 17.01 1.89 -11.91
CA PHE A 528 16.82 1.96 -13.38
C PHE A 528 15.57 2.82 -13.66
N GLY A 529 14.44 2.48 -13.03
CA GLY A 529 13.17 3.22 -13.19
C GLY A 529 13.33 4.72 -12.97
N TYR A 530 13.97 5.15 -11.88
CA TYR A 530 14.05 6.60 -11.57
C TYR A 530 15.00 7.28 -12.55
N THR A 531 15.99 6.53 -13.03
CA THR A 531 16.95 7.04 -14.04
C THR A 531 16.19 7.21 -15.37
N ALA A 532 15.42 6.19 -15.75
CA ALA A 532 14.56 6.25 -16.96
C ALA A 532 13.56 7.40 -16.88
N TYR A 533 12.91 7.61 -15.73
CA TYR A 533 11.96 8.75 -15.53
C TYR A 533 12.70 10.09 -15.65
N ALA A 534 13.95 10.19 -15.18
CA ALA A 534 14.78 11.41 -15.29
C ALA A 534 14.97 11.72 -16.78
N TYR A 535 15.23 10.67 -17.57
CA TYR A 535 15.35 10.79 -19.04
C TYR A 535 14.01 11.29 -19.61
N MET A 536 12.90 10.62 -19.28
CA MET A 536 11.58 11.09 -19.75
C MET A 536 11.35 12.55 -19.35
N TRP A 537 11.66 12.92 -18.11
CA TRP A 537 11.37 14.28 -17.59
C TRP A 537 12.25 15.32 -18.29
N ALA A 538 13.51 15.03 -18.60
CA ALA A 538 14.41 15.93 -19.34
C ALA A 538 13.89 16.10 -20.79
N LEU A 539 13.36 15.04 -21.40
CA LEU A 539 12.79 15.15 -22.77
C LEU A 539 11.57 16.07 -22.72
N MET A 540 10.70 15.89 -21.73
CA MET A 540 9.49 16.75 -21.60
C MET A 540 9.92 18.18 -21.29
N ALA A 541 10.96 18.36 -20.49
CA ALA A 541 11.48 19.69 -20.12
C ALA A 541 11.97 20.40 -21.37
N ARG A 542 12.65 19.69 -22.26
CA ARG A 542 13.25 20.33 -23.47
C ARG A 542 12.12 20.92 -24.32
N THR A 543 11.02 20.19 -24.48
CA THR A 543 9.87 20.60 -25.31
C THR A 543 9.17 21.77 -24.62
N ALA A 544 8.96 21.67 -23.32
CA ALA A 544 8.27 22.72 -22.54
C ALA A 544 9.10 24.00 -22.58
N LEU A 545 10.44 23.90 -22.48
CA LEU A 545 11.31 25.09 -22.49
C LEU A 545 11.20 25.77 -23.85
N ALA A 546 11.26 24.98 -24.92
CA ALA A 546 11.15 25.45 -26.32
C ALA A 546 9.80 26.15 -26.53
N LYS A 547 8.72 25.71 -25.88
CA LYS A 547 7.34 26.20 -26.16
C LYS A 547 6.78 27.07 -25.03
N GLN A 548 7.52 27.23 -23.93
CA GLN A 548 7.14 28.08 -22.78
C GLN A 548 6.64 29.43 -23.31
N GLY A 549 5.38 29.79 -23.07
CA GLY A 549 4.85 31.07 -23.55
C GLY A 549 3.43 31.30 -23.10
N GLU A 550 2.48 31.32 -24.04
CA GLU A 550 1.08 31.72 -23.77
C GLU A 550 0.27 30.48 -23.33
N ASP A 551 0.72 29.27 -23.67
CA ASP A 551 0.06 28.01 -23.20
C ASP A 551 0.66 27.62 -21.83
N ASP A 552 -0.15 27.77 -20.79
CA ASP A 552 0.23 27.53 -19.38
C ASP A 552 0.56 26.04 -19.15
N PHE A 553 0.10 25.14 -20.04
CA PHE A 553 0.45 23.70 -20.01
C PHE A 553 1.97 23.51 -19.79
N TYR A 554 2.80 24.28 -20.50
CA TYR A 554 4.28 24.13 -20.49
C TYR A 554 4.83 24.57 -19.12
N ALA A 555 4.26 25.63 -18.51
CA ALA A 555 4.64 26.07 -17.15
C ALA A 555 4.35 24.94 -16.14
N SER A 556 3.16 24.36 -16.18
CA SER A 556 2.76 23.20 -15.33
C SER A 556 3.77 22.06 -15.50
N LYS A 557 4.13 21.74 -16.76
CA LYS A 557 5.00 20.59 -17.06
C LYS A 557 6.37 20.83 -16.42
N LEU A 558 6.93 22.04 -16.57
CA LEU A 558 8.27 22.38 -16.03
C LEU A 558 8.26 22.39 -14.49
N GLY A 559 7.21 22.90 -13.87
CA GLY A 559 7.08 22.86 -12.40
C GLY A 559 7.03 21.42 -11.91
N THR A 560 6.40 20.54 -12.67
CA THR A 560 6.30 19.10 -12.32
C THR A 560 7.69 18.48 -12.50
N ALA A 561 8.38 18.79 -13.60
CA ALA A 561 9.75 18.29 -13.88
C ALA A 561 10.63 18.65 -12.70
N ARG A 562 10.50 19.87 -12.22
CA ARG A 562 11.38 20.44 -11.18
C ARG A 562 11.14 19.70 -9.86
N PHE A 563 9.88 19.39 -9.53
CA PHE A 563 9.57 18.53 -8.36
C PHE A 563 10.23 17.15 -8.56
N TYR A 564 10.10 16.53 -9.74
CA TYR A 564 10.66 15.16 -9.94
C TYR A 564 12.15 15.17 -9.57
N PHE A 565 12.88 16.13 -10.14
CA PHE A 565 14.34 16.25 -10.00
C PHE A 565 14.72 16.58 -8.55
N ALA A 566 13.97 17.44 -7.88
CA ALA A 566 14.35 17.92 -6.51
C ALA A 566 14.11 16.79 -5.51
N ARG A 567 12.95 16.15 -5.59
CA ARG A 567 12.42 15.34 -4.45
C ARG A 567 12.34 13.86 -4.76
N LEU A 568 12.24 13.43 -6.03
CA LEU A 568 12.09 11.96 -6.29
C LEU A 568 13.39 11.36 -6.82
N LEU A 569 14.06 12.01 -7.74
CA LEU A 569 15.30 11.43 -8.33
C LEU A 569 16.32 11.02 -7.25
N PRO A 570 16.46 11.75 -6.12
CA PRO A 570 17.43 11.39 -5.09
C PRO A 570 17.19 9.99 -4.47
N ARG A 571 16.01 9.43 -4.72
CA ARG A 571 15.70 8.07 -4.23
C ARG A 571 16.72 7.04 -4.75
N ILE A 572 17.45 7.37 -5.82
CA ILE A 572 18.43 6.43 -6.43
C ILE A 572 19.57 6.10 -5.45
N HIS A 573 19.96 7.03 -4.58
CA HIS A 573 21.15 6.81 -3.72
C HIS A 573 20.93 5.69 -2.69
N SER A 574 19.84 5.76 -1.93
CA SER A 574 19.58 4.73 -0.91
C SER A 574 19.40 3.39 -1.62
N LEU A 575 18.66 3.37 -2.72
CA LEU A 575 18.43 2.07 -3.40
C LEU A 575 19.77 1.51 -3.88
N SER A 576 20.66 2.36 -4.38
CA SER A 576 22.01 1.94 -4.88
C SER A 576 22.84 1.39 -3.72
N ALA A 577 22.77 2.03 -2.55
CA ALA A 577 23.52 1.61 -1.35
C ALA A 577 23.00 0.25 -0.88
N SER A 578 21.68 0.06 -0.84
CA SER A 578 21.03 -1.22 -0.44
C SER A 578 21.45 -2.34 -1.40
N VAL A 579 21.48 -2.05 -2.69
CA VAL A 579 21.87 -3.06 -3.70
C VAL A 579 23.33 -3.46 -3.40
N ARG A 580 24.19 -2.46 -3.25
CA ARG A 580 25.66 -2.67 -3.04
C ARG A 580 25.96 -3.42 -1.75
N ALA A 581 25.01 -3.57 -0.82
CA ALA A 581 25.16 -4.45 0.37
C ALA A 581 25.33 -5.91 -0.05
N GLY A 582 24.73 -6.30 -1.17
CA GLY A 582 24.82 -7.67 -1.69
C GLY A 582 23.89 -8.64 -0.97
N SER A 583 23.96 -9.91 -1.36
CA SER A 583 23.07 -11.00 -0.89
C SER A 583 23.44 -11.45 0.52
N GLU A 584 24.63 -11.12 1.01
CA GLU A 584 25.11 -11.68 2.31
C GLU A 584 24.07 -11.60 3.42
N SER A 585 23.54 -10.41 3.69
CA SER A 585 22.57 -10.19 4.80
C SER A 585 21.31 -11.05 4.60
N LEU A 586 21.04 -11.48 3.36
CA LEU A 586 19.79 -12.22 3.09
C LEU A 586 19.95 -13.69 3.47
N TYR A 587 21.19 -14.16 3.58
CA TYR A 587 21.40 -15.61 3.80
C TYR A 587 22.15 -15.91 5.12
N LEU A 588 22.08 -14.99 6.08
CA LEU A 588 22.73 -15.25 7.39
C LEU A 588 21.92 -16.29 8.15
N LEU A 589 20.61 -16.34 7.91
CA LEU A 589 19.74 -17.24 8.68
C LEU A 589 19.28 -18.45 7.88
N ASP A 590 19.12 -19.57 8.59
CA ASP A 590 18.55 -20.76 7.95
C ASP A 590 17.04 -20.58 8.02
N ALA A 591 16.30 -21.29 7.17
CA ALA A 591 14.83 -21.15 7.13
C ALA A 591 14.25 -21.34 8.52
N GLU A 592 14.84 -22.24 9.30
CA GLU A 592 14.31 -22.57 10.64
C GLU A 592 14.47 -21.39 11.60
N GLN A 593 15.38 -20.48 11.30
CA GLN A 593 15.69 -19.36 12.23
C GLN A 593 14.82 -18.12 11.93
N PHE A 594 13.94 -18.19 10.94
CA PHE A 594 13.02 -17.06 10.63
C PHE A 594 11.86 -17.03 11.64
N ALA B 4 -2.36 -19.77 8.58
CA ALA B 4 -1.53 -19.58 9.79
C ALA B 4 -2.39 -19.04 10.94
N ASP B 5 -2.45 -19.79 12.02
CA ASP B 5 -3.04 -19.38 13.31
C ASP B 5 -2.15 -18.33 13.95
N TYR B 6 -2.77 -17.35 14.61
CA TYR B 6 -2.04 -16.34 15.42
C TYR B 6 -1.44 -17.05 16.63
N LYS B 7 -0.14 -16.83 16.84
CA LYS B 7 0.59 -17.23 18.08
C LYS B 7 1.28 -16.00 18.66
N ALA B 8 0.98 -15.69 19.92
CA ALA B 8 1.55 -14.50 20.61
C ALA B 8 3.07 -14.64 20.63
N PRO B 9 3.81 -13.56 20.24
CA PRO B 9 5.26 -13.59 20.23
C PRO B 9 5.86 -13.36 21.63
N LEU B 10 5.53 -14.24 22.56
CA LEU B 10 5.87 -14.03 23.99
C LEU B 10 7.38 -14.15 24.17
N ARG B 11 8.06 -15.00 23.39
CA ARG B 11 9.53 -15.18 23.52
C ARG B 11 10.22 -13.85 23.14
N ASP B 12 9.79 -13.22 22.06
CA ASP B 12 10.45 -11.94 21.66
C ASP B 12 10.10 -10.88 22.69
N MET B 13 8.86 -10.87 23.17
CA MET B 13 8.39 -9.90 24.15
C MET B 13 9.19 -10.03 25.47
N ARG B 14 9.50 -11.24 25.94
CA ARG B 14 10.40 -11.45 27.11
C ARG B 14 11.78 -10.89 26.79
N PHE B 15 12.28 -11.08 25.57
CA PHE B 15 13.64 -10.64 25.22
C PHE B 15 13.70 -9.12 25.31
N VAL B 16 12.72 -8.44 24.73
CA VAL B 16 12.70 -6.96 24.69
C VAL B 16 12.62 -6.40 26.11
N LEU B 17 11.64 -6.85 26.89
CA LEU B 17 11.33 -6.21 28.20
C LEU B 17 12.28 -6.70 29.30
N ASN B 18 12.52 -8.00 29.38
CA ASN B 18 13.25 -8.63 30.51
C ASN B 18 14.75 -8.69 30.22
N GLU B 19 15.19 -8.79 28.96
CA GLU B 19 16.61 -9.05 28.67
C GLU B 19 17.29 -7.77 28.19
N VAL B 20 16.64 -6.99 27.33
CA VAL B 20 17.23 -5.74 26.76
C VAL B 20 16.97 -4.61 27.77
N PHE B 21 15.71 -4.25 28.03
CA PHE B 21 15.39 -3.09 28.90
C PHE B 21 15.37 -3.46 30.40
N GLU B 22 15.29 -4.76 30.74
CA GLU B 22 15.34 -5.23 32.15
C GLU B 22 14.37 -4.39 33.00
N VAL B 23 13.10 -4.34 32.62
CA VAL B 23 12.13 -3.41 33.26
C VAL B 23 11.84 -3.84 34.70
N SER B 24 11.99 -5.12 35.04
CA SER B 24 11.67 -5.65 36.38
C SER B 24 12.61 -4.99 37.41
N ARG B 25 13.86 -4.69 37.02
CA ARG B 25 14.80 -3.88 37.83
C ARG B 25 14.16 -2.53 38.19
N LEU B 26 13.48 -1.89 37.24
CA LEU B 26 12.93 -0.53 37.46
C LEU B 26 11.70 -0.62 38.39
N TRP B 27 10.84 -1.60 38.17
CA TRP B 27 9.60 -1.76 38.99
C TRP B 27 9.94 -1.88 40.49
N ALA B 28 10.95 -2.70 40.81
CA ALA B 28 11.35 -3.10 42.18
C ALA B 28 11.70 -1.85 43.01
N GLN B 29 12.30 -0.84 42.35
CA GLN B 29 12.70 0.49 42.89
C GLN B 29 11.48 1.40 43.13
N LEU B 30 10.37 1.22 42.40
CA LEU B 30 9.18 2.12 42.42
C LEU B 30 8.10 1.45 43.25
N PRO B 31 7.88 1.89 44.51
CA PRO B 31 6.97 1.18 45.42
C PRO B 31 5.51 1.23 44.94
N ALA B 32 5.16 2.19 44.09
CA ALA B 32 3.84 2.31 43.43
C ALA B 32 3.56 1.08 42.55
N LEU B 33 4.61 0.51 41.93
CA LEU B 33 4.51 -0.66 41.01
C LEU B 33 4.96 -1.94 41.75
N ALA B 34 5.90 -1.83 42.68
CA ALA B 34 6.39 -3.00 43.46
C ALA B 34 5.20 -3.70 44.11
N GLU B 35 4.17 -2.96 44.51
CA GLU B 35 2.90 -3.47 45.11
C GLU B 35 2.06 -4.29 44.10
N VAL B 36 2.14 -3.98 42.79
CA VAL B 36 1.13 -4.44 41.79
C VAL B 36 1.73 -5.44 40.79
N VAL B 37 3.04 -5.37 40.51
CA VAL B 37 3.65 -6.20 39.43
C VAL B 37 5.08 -6.60 39.83
N ASP B 38 5.47 -7.81 39.46
CA ASP B 38 6.87 -8.29 39.49
C ASP B 38 7.04 -9.17 38.25
N ALA B 39 8.21 -9.77 38.04
CA ALA B 39 8.52 -10.59 36.84
C ALA B 39 7.49 -11.73 36.73
N GLU B 40 7.22 -12.39 37.85
CA GLU B 40 6.32 -13.58 37.93
C GLU B 40 4.89 -13.20 37.49
N THR B 41 4.36 -12.12 38.05
CA THR B 41 3.01 -11.58 37.77
C THR B 41 2.88 -11.21 36.29
N ALA B 42 3.85 -10.44 35.79
CA ALA B 42 3.92 -9.98 34.40
C ALA B 42 3.87 -11.20 33.49
N ALA B 43 4.71 -12.21 33.76
CA ALA B 43 4.79 -13.45 32.95
C ALA B 43 3.41 -14.11 32.90
N ALA B 44 2.70 -14.23 34.02
CA ALA B 44 1.38 -14.92 34.08
C ALA B 44 0.34 -14.09 33.30
N ILE B 45 0.44 -12.78 33.37
CA ILE B 45 -0.47 -11.88 32.62
C ILE B 45 -0.28 -12.11 31.11
N LEU B 46 0.95 -12.08 30.62
CA LEU B 46 1.24 -12.31 29.18
C LEU B 46 0.78 -13.71 28.75
N GLU B 47 1.00 -14.76 29.56
CA GLU B 47 0.62 -16.13 29.14
C GLU B 47 -0.91 -16.16 28.95
N GLU B 48 -1.64 -15.56 29.87
CA GLU B 48 -3.13 -15.55 29.78
C GLU B 48 -3.55 -14.73 28.55
N ALA B 49 -2.94 -13.58 28.32
CA ALA B 49 -3.29 -12.69 27.20
C ALA B 49 -3.07 -13.43 25.88
N GLY B 50 -1.93 -14.12 25.76
CA GLY B 50 -1.60 -14.94 24.59
C GLY B 50 -2.65 -16.01 24.35
N LYS B 51 -3.18 -16.60 25.42
CA LYS B 51 -4.22 -17.67 25.40
C LYS B 51 -5.54 -17.10 24.88
N VAL B 52 -6.02 -16.03 25.50
CA VAL B 52 -7.33 -15.43 25.11
C VAL B 52 -7.21 -14.92 23.68
N THR B 53 -6.09 -14.28 23.30
CA THR B 53 -6.02 -13.62 21.97
C THR B 53 -6.00 -14.67 20.86
N ALA B 54 -5.18 -15.71 21.00
CA ALA B 54 -5.06 -16.78 19.99
C ALA B 54 -6.36 -17.60 19.97
N GLY B 55 -6.98 -17.81 21.11
CA GLY B 55 -8.03 -18.84 21.24
C GLY B 55 -9.41 -18.30 20.95
N THR B 56 -9.72 -17.08 21.39
CA THR B 56 -11.08 -16.50 21.30
C THR B 56 -11.13 -15.37 20.26
N ILE B 57 -10.07 -14.57 20.13
CA ILE B 57 -10.12 -13.30 19.35
C ILE B 57 -9.68 -13.57 17.90
N ALA B 58 -8.51 -14.16 17.70
CA ALA B 58 -7.92 -14.41 16.37
C ALA B 58 -8.89 -15.15 15.43
N PRO B 59 -9.63 -16.19 15.88
CA PRO B 59 -10.50 -16.93 14.99
C PRO B 59 -11.65 -16.09 14.39
N LEU B 60 -11.95 -14.93 14.98
CA LEU B 60 -13.07 -14.09 14.52
C LEU B 60 -12.59 -13.03 13.52
N ASN B 61 -11.30 -12.95 13.26
CA ASN B 61 -10.80 -11.86 12.38
C ASN B 61 -11.37 -11.95 10.96
N ARG B 62 -11.10 -13.05 10.26
CA ARG B 62 -11.56 -13.24 8.86
C ARG B 62 -13.09 -13.16 8.76
N PRO B 63 -13.87 -13.95 9.52
CA PRO B 63 -15.32 -13.88 9.42
C PRO B 63 -15.87 -12.49 9.78
N GLY B 64 -15.19 -11.80 10.70
CA GLY B 64 -15.61 -10.43 11.05
C GLY B 64 -15.50 -9.48 9.86
N ASP B 65 -14.41 -9.58 9.12
CA ASP B 65 -14.22 -8.72 7.92
C ASP B 65 -15.27 -9.07 6.87
N GLU B 66 -15.57 -10.36 6.71
CA GLU B 66 -16.49 -10.79 5.63
C GLU B 66 -17.95 -10.41 5.97
N GLU B 67 -18.30 -10.40 7.25
CA GLU B 67 -19.69 -10.06 7.67
C GLU B 67 -19.85 -8.55 7.86
N GLY B 68 -18.91 -7.92 8.56
CA GLY B 68 -19.01 -6.49 8.87
C GLY B 68 -20.10 -6.25 9.89
N CYS B 69 -20.34 -5.00 10.22
CA CYS B 69 -21.38 -4.57 11.18
C CYS B 69 -22.67 -4.32 10.40
N GLN B 70 -23.80 -4.38 11.10
CA GLN B 70 -25.15 -4.14 10.55
C GLN B 70 -25.80 -3.01 11.34
N TRP B 71 -26.65 -2.24 10.67
CA TRP B 71 -27.42 -1.12 11.26
C TRP B 71 -28.90 -1.48 11.04
N ASN B 72 -29.67 -1.57 12.13
CA ASN B 72 -31.11 -1.93 12.11
C ASN B 72 -31.83 -0.94 13.02
N ALA B 73 -32.51 0.03 12.42
CA ALA B 73 -33.33 1.03 13.14
C ALA B 73 -32.52 1.60 14.31
N GLY B 74 -31.29 2.07 14.06
CA GLY B 74 -30.48 2.79 15.06
C GLY B 74 -29.59 1.86 15.87
N ALA B 75 -29.89 0.56 15.91
CA ALA B 75 -29.09 -0.44 16.66
C ALA B 75 -27.99 -0.98 15.75
N VAL B 76 -26.78 -1.06 16.25
CA VAL B 76 -25.63 -1.61 15.48
C VAL B 76 -25.22 -2.94 16.08
N SER B 77 -25.08 -3.93 15.23
CA SER B 77 -24.68 -5.28 15.67
C SER B 77 -23.30 -5.54 15.07
N THR B 78 -22.39 -6.07 15.89
CA THR B 78 -21.06 -6.56 15.47
C THR B 78 -21.21 -7.94 14.86
N PRO B 79 -20.18 -8.48 14.16
CA PRO B 79 -20.25 -9.82 13.60
C PRO B 79 -20.50 -10.89 14.66
N ALA B 80 -21.03 -12.01 14.19
CA ALA B 80 -21.32 -13.21 15.00
C ALA B 80 -20.12 -13.51 15.91
N GLY B 81 -20.38 -13.77 17.19
CA GLY B 81 -19.34 -14.16 18.16
C GLY B 81 -18.59 -12.97 18.79
N PHE B 82 -18.75 -11.73 18.30
CA PHE B 82 -17.99 -10.57 18.85
C PHE B 82 -18.48 -10.25 20.25
N PRO B 83 -19.81 -10.09 20.49
CA PRO B 83 -20.32 -9.84 21.83
C PRO B 83 -19.89 -10.90 22.86
N GLU B 84 -19.86 -12.17 22.49
CA GLU B 84 -19.48 -13.29 23.41
C GLU B 84 -17.98 -13.15 23.70
N ALA B 85 -17.17 -12.91 22.67
CA ALA B 85 -15.71 -12.78 22.82
C ALA B 85 -15.42 -11.53 23.65
N TYR B 86 -16.18 -10.45 23.47
CA TYR B 86 -15.99 -9.22 24.28
C TYR B 86 -16.29 -9.53 25.75
N ARG B 87 -17.33 -10.29 26.03
CA ARG B 87 -17.77 -10.57 27.43
C ARG B 87 -16.65 -11.34 28.15
N THR B 88 -16.08 -12.36 27.52
CA THR B 88 -14.95 -13.17 28.03
C THR B 88 -13.75 -12.25 28.29
N TYR B 89 -13.41 -11.45 27.31
CA TYR B 89 -12.28 -10.49 27.38
C TYR B 89 -12.47 -9.62 28.63
N ALA B 90 -13.66 -9.03 28.80
CA ALA B 90 -13.96 -8.04 29.84
C ALA B 90 -13.94 -8.71 31.21
N GLU B 91 -14.58 -9.88 31.32
CA GLU B 91 -14.62 -10.71 32.56
C GLU B 91 -13.20 -11.14 32.95
N GLY B 92 -12.33 -11.39 31.98
CA GLY B 92 -10.89 -11.66 32.22
C GLY B 92 -10.13 -10.46 32.80
N GLY B 93 -10.71 -9.26 32.82
CA GLY B 93 -10.05 -8.02 33.32
C GLY B 93 -9.27 -7.26 32.26
N TRP B 94 -9.37 -7.66 30.99
CA TRP B 94 -8.44 -7.17 29.93
C TRP B 94 -8.77 -5.71 29.56
N VAL B 95 -10.00 -5.26 29.75
CA VAL B 95 -10.31 -3.84 29.40
C VAL B 95 -9.64 -2.88 30.38
N GLY B 96 -9.41 -3.32 31.62
CA GLY B 96 -8.87 -2.44 32.68
C GLY B 96 -7.47 -2.85 33.14
N VAL B 97 -6.75 -3.60 32.32
CA VAL B 97 -5.42 -4.18 32.68
C VAL B 97 -4.42 -3.06 33.03
N GLY B 98 -4.44 -1.94 32.31
CA GLY B 98 -3.61 -0.76 32.63
C GLY B 98 -4.39 0.31 33.39
N GLY B 99 -5.55 -0.05 33.94
CA GLY B 99 -6.48 0.88 34.62
C GLY B 99 -6.02 1.25 36.04
N ASP B 100 -6.54 2.34 36.57
CA ASP B 100 -6.27 2.80 37.95
C ASP B 100 -6.89 1.82 38.97
N PRO B 101 -6.09 1.16 39.83
CA PRO B 101 -6.66 0.31 40.89
C PRO B 101 -7.59 1.04 41.86
N ALA B 102 -7.48 2.37 41.97
CA ALA B 102 -8.38 3.15 42.85
C ALA B 102 -9.84 2.99 42.41
N TYR B 103 -10.10 2.60 41.15
CA TYR B 103 -11.47 2.42 40.60
C TYR B 103 -11.65 1.02 40.04
N GLY B 104 -10.83 0.06 40.45
CA GLY B 104 -11.02 -1.36 40.10
C GLY B 104 -10.14 -1.80 38.93
N GLY B 105 -9.27 -0.95 38.39
CA GLY B 105 -8.32 -1.36 37.34
C GLY B 105 -7.19 -2.20 37.92
N MET B 106 -6.44 -2.90 37.07
CA MET B 106 -5.34 -3.80 37.50
C MET B 106 -4.04 -3.01 37.73
N GLY B 107 -3.86 -1.83 37.14
CA GLY B 107 -2.70 -0.96 37.45
C GLY B 107 -1.41 -1.47 36.81
N MET B 108 -1.49 -2.28 35.74
CA MET B 108 -0.28 -2.72 35.03
C MET B 108 0.39 -1.49 34.43
N PRO B 109 1.73 -1.42 34.43
CA PRO B 109 2.43 -0.33 33.76
C PRO B 109 2.23 -0.44 32.23
N LYS B 110 2.52 0.64 31.52
CA LYS B 110 2.30 0.73 30.07
C LYS B 110 3.17 -0.28 29.34
N VAL B 111 4.35 -0.64 29.86
CA VAL B 111 5.23 -1.62 29.16
C VAL B 111 4.49 -2.96 29.09
N ILE B 112 3.62 -3.27 30.07
CA ILE B 112 2.82 -4.54 30.03
C ILE B 112 1.54 -4.34 29.20
N SER B 113 0.78 -3.30 29.46
CA SER B 113 -0.53 -3.09 28.79
C SER B 113 -0.29 -2.89 27.27
N ALA B 114 0.82 -2.29 26.86
CA ALA B 114 1.21 -2.11 25.45
C ALA B 114 1.49 -3.47 24.79
N GLN B 115 2.02 -4.46 25.50
CA GLN B 115 2.26 -5.80 24.93
C GLN B 115 0.89 -6.46 24.76
N VAL B 116 0.02 -6.33 25.74
CA VAL B 116 -1.35 -6.91 25.62
C VAL B 116 -2.03 -6.27 24.40
N GLU B 117 -1.86 -4.97 24.24
CA GLU B 117 -2.45 -4.24 23.10
C GLU B 117 -1.94 -4.86 21.80
N GLU B 118 -0.65 -5.17 21.71
CA GLU B 118 -0.07 -5.75 20.48
C GLU B 118 -0.77 -7.10 20.24
N LEU B 119 -0.93 -7.91 21.28
CA LEU B 119 -1.49 -9.28 21.11
C LEU B 119 -2.91 -9.16 20.53
N VAL B 120 -3.74 -8.32 21.13
CA VAL B 120 -5.18 -8.26 20.76
C VAL B 120 -5.29 -7.69 19.35
N ASN B 121 -4.48 -6.68 19.04
CA ASN B 121 -4.57 -5.96 17.74
C ASN B 121 -4.02 -6.84 16.61
N SER B 122 -2.99 -7.66 16.87
CA SER B 122 -2.49 -8.69 15.94
C SER B 122 -3.59 -9.70 15.62
N ALA B 123 -4.23 -10.21 16.67
CA ALA B 123 -5.25 -11.26 16.57
C ALA B 123 -6.43 -10.76 15.72
N ASN B 124 -6.83 -9.50 15.90
CA ASN B 124 -8.09 -8.96 15.31
C ASN B 124 -8.15 -7.47 15.59
N LEU B 125 -7.66 -6.66 14.67
CA LEU B 125 -7.57 -5.21 14.89
C LEU B 125 -8.96 -4.64 15.20
N SER B 126 -9.99 -5.03 14.43
CA SER B 126 -11.37 -4.53 14.64
C SER B 126 -11.78 -4.77 16.09
N PHE B 127 -11.53 -5.97 16.61
CA PHE B 127 -11.88 -6.29 18.02
C PHE B 127 -11.09 -5.38 18.95
N GLY B 128 -9.80 -5.22 18.67
CA GLY B 128 -8.86 -4.55 19.59
C GLY B 128 -9.20 -3.09 19.79
N LEU B 129 -9.70 -2.44 18.75
CA LEU B 129 -9.96 -0.98 18.83
C LEU B 129 -11.07 -0.72 19.85
N TYR B 130 -12.02 -1.65 20.05
CA TYR B 130 -13.17 -1.48 20.95
C TYR B 130 -12.71 -1.22 22.40
N PRO B 131 -12.00 -2.13 23.10
CA PRO B 131 -11.50 -1.86 24.44
C PRO B 131 -10.46 -0.73 24.51
N GLY B 132 -9.67 -0.51 23.46
CA GLY B 132 -8.75 0.65 23.37
C GLY B 132 -9.49 1.98 23.55
N LEU B 133 -10.70 2.13 23.00
CA LEU B 133 -11.51 3.37 23.16
C LEU B 133 -11.78 3.59 24.65
N THR B 134 -12.23 2.54 25.32
CA THR B 134 -12.67 2.58 26.72
C THR B 134 -11.48 2.94 27.58
N ALA B 135 -10.34 2.28 27.37
CA ALA B 135 -9.10 2.55 28.12
C ALA B 135 -8.71 4.02 27.88
N GLY B 136 -8.79 4.50 26.64
CA GLY B 136 -8.47 5.90 26.32
C GLY B 136 -9.34 6.88 27.08
N ALA B 137 -10.67 6.70 27.00
CA ALA B 137 -11.68 7.57 27.65
C ALA B 137 -11.39 7.60 29.15
N CYS B 138 -11.02 6.46 29.75
CA CYS B 138 -10.70 6.39 31.20
C CYS B 138 -9.54 7.32 31.53
N LEU B 139 -8.51 7.34 30.71
CA LEU B 139 -7.34 8.21 30.94
C LEU B 139 -7.78 9.66 31.07
N ALA B 140 -8.64 10.14 30.16
CA ALA B 140 -9.11 11.53 30.11
C ALA B 140 -10.00 11.82 31.32
N LEU B 141 -10.89 10.89 31.68
CA LEU B 141 -11.79 11.10 32.85
C LEU B 141 -10.99 11.09 34.13
N ASN B 142 -10.07 10.12 34.28
CA ASN B 142 -9.17 10.08 35.48
C ASN B 142 -8.41 11.40 35.61
N ALA B 143 -7.82 11.92 34.54
CA ALA B 143 -6.96 13.11 34.61
C ALA B 143 -7.79 14.40 34.87
N HIS B 144 -9.04 14.51 34.40
CA HIS B 144 -9.72 15.84 34.35
C HIS B 144 -11.17 15.83 34.85
N ALA B 145 -11.86 14.71 34.96
CA ALA B 145 -13.28 14.74 35.38
C ALA B 145 -13.35 15.02 36.89
N SER B 146 -14.47 15.58 37.34
CA SER B 146 -14.80 15.79 38.78
C SER B 146 -14.92 14.43 39.49
N ASP B 147 -14.81 14.44 40.81
CA ASP B 147 -14.91 13.22 41.65
C ASP B 147 -16.26 12.56 41.40
N GLU B 148 -17.33 13.34 41.28
CA GLU B 148 -18.67 12.74 41.04
C GLU B 148 -18.67 11.95 39.74
N LEU B 149 -18.15 12.53 38.65
CA LEU B 149 -18.14 11.83 37.35
C LEU B 149 -17.23 10.59 37.43
N LYS B 150 -16.00 10.75 37.90
CA LYS B 150 -15.07 9.60 38.06
C LYS B 150 -15.75 8.47 38.84
N ASP B 151 -16.44 8.77 39.94
CA ASP B 151 -17.00 7.72 40.84
C ASP B 151 -18.22 7.08 40.19
N LYS B 152 -18.97 7.83 39.38
CA LYS B 152 -20.18 7.30 38.74
C LYS B 152 -19.80 6.40 37.54
N TYR B 153 -18.76 6.71 36.77
CA TYR B 153 -18.50 6.08 35.44
C TYR B 153 -17.23 5.19 35.42
N LEU B 154 -16.14 5.56 36.09
CA LEU B 154 -14.83 4.83 35.91
C LEU B 154 -14.96 3.35 36.29
N PRO B 155 -15.57 2.95 37.42
CA PRO B 155 -15.55 1.53 37.80
C PRO B 155 -16.14 0.65 36.70
N ASN B 156 -17.28 1.00 36.11
CA ASN B 156 -17.91 0.14 35.07
C ASN B 156 -17.07 0.16 33.79
N MET B 157 -16.35 1.25 33.52
CA MET B 157 -15.51 1.37 32.31
C MET B 157 -14.23 0.53 32.50
N TYR B 158 -13.57 0.59 33.65
CA TYR B 158 -12.37 -0.24 33.90
C TYR B 158 -12.76 -1.73 33.90
N ALA B 159 -13.98 -2.07 34.30
CA ALA B 159 -14.48 -3.48 34.25
C ALA B 159 -14.92 -3.85 32.85
N GLY B 160 -15.03 -2.88 31.93
CA GLY B 160 -15.51 -3.17 30.57
C GLY B 160 -16.99 -3.47 30.49
N ILE B 161 -17.77 -3.15 31.54
CA ILE B 161 -19.26 -3.29 31.53
C ILE B 161 -19.86 -2.13 30.72
N TRP B 162 -19.27 -0.94 30.84
CA TRP B 162 -19.61 0.23 29.99
C TRP B 162 -18.41 0.56 29.09
N ALA B 163 -18.64 0.79 27.81
CA ALA B 163 -17.57 1.18 26.85
C ALA B 163 -17.44 2.70 26.87
N GLY B 164 -16.35 3.18 26.26
CA GLY B 164 -16.12 4.61 25.95
C GLY B 164 -16.15 4.87 24.47
N SER B 165 -16.28 6.14 24.09
CA SER B 165 -16.07 6.62 22.70
C SER B 165 -15.41 7.98 22.78
N MET B 166 -14.74 8.37 21.70
CA MET B 166 -14.16 9.72 21.48
C MET B 166 -14.96 10.36 20.33
N CYS B 167 -15.83 11.32 20.65
CA CYS B 167 -16.69 12.00 19.66
C CYS B 167 -16.10 13.38 19.35
N LEU B 168 -15.14 13.43 18.43
CA LEU B 168 -14.41 14.68 18.07
C LEU B 168 -14.84 15.17 16.68
N THR B 169 -14.69 14.30 15.68
CA THR B 169 -14.72 14.63 14.25
C THR B 169 -16.14 14.97 13.81
N GLU B 170 -16.24 16.00 12.97
CA GLU B 170 -17.51 16.43 12.36
C GLU B 170 -17.35 16.38 10.84
N PRO B 171 -18.41 16.49 10.04
CA PRO B 171 -18.29 16.42 8.58
C PRO B 171 -17.21 17.34 7.99
N HIS B 172 -17.06 18.54 8.54
CA HIS B 172 -16.20 19.64 8.03
C HIS B 172 -14.94 19.80 8.89
N ALA B 173 -14.81 19.01 9.97
CA ALA B 173 -13.73 19.22 10.97
C ALA B 173 -13.13 17.89 11.45
N GLY B 174 -11.88 17.62 11.04
CA GLY B 174 -11.10 16.48 11.54
C GLY B 174 -9.82 16.96 12.21
N THR B 175 -8.87 17.42 11.41
CA THR B 175 -7.60 18.00 11.90
C THR B 175 -7.93 19.29 12.65
N ASP B 176 -8.82 20.11 12.08
CA ASP B 176 -9.06 21.52 12.50
C ASP B 176 -10.26 21.51 13.47
N LEU B 177 -10.03 21.10 14.71
CA LEU B 177 -11.16 20.91 15.66
C LEU B 177 -11.67 22.28 16.13
N GLY B 178 -10.89 23.35 15.94
CA GLY B 178 -11.26 24.73 16.28
C GLY B 178 -12.56 25.18 15.63
N ILE B 179 -12.95 24.55 14.52
CA ILE B 179 -14.17 24.96 13.76
C ILE B 179 -15.34 23.99 14.01
N ILE B 180 -15.26 23.19 15.06
CA ILE B 180 -16.43 22.33 15.37
C ILE B 180 -17.71 23.16 15.54
N ARG B 181 -18.86 22.54 15.28
CA ARG B 181 -20.16 23.23 15.34
C ARG B 181 -21.04 22.67 16.46
N THR B 182 -20.67 21.51 17.00
CA THR B 182 -21.48 20.88 18.08
C THR B 182 -21.53 21.84 19.27
N ARG B 183 -22.71 22.05 19.82
CA ARG B 183 -22.90 23.03 20.90
C ARG B 183 -23.30 22.39 22.22
N ALA B 184 -22.90 22.99 23.32
CA ALA B 184 -23.27 22.51 24.67
C ALA B 184 -23.99 23.67 25.38
N GLU B 185 -25.28 23.49 25.63
CA GLU B 185 -26.13 24.53 26.26
C GLU B 185 -26.19 24.32 27.75
N PRO B 186 -25.68 25.25 28.59
CA PRO B 186 -25.69 25.07 30.03
C PRO B 186 -27.12 25.00 30.57
N GLN B 187 -27.34 24.05 31.49
CA GLN B 187 -28.66 23.84 32.13
C GLN B 187 -28.58 24.29 33.58
N ALA B 188 -29.72 24.72 34.12
CA ALA B 188 -29.77 25.20 35.52
C ALA B 188 -29.34 24.11 36.50
N ASP B 189 -29.60 22.85 36.16
CA ASP B 189 -29.25 21.71 37.06
C ASP B 189 -27.76 21.36 37.03
N GLY B 190 -26.92 22.16 36.34
CA GLY B 190 -25.47 21.93 36.31
C GLY B 190 -25.03 21.09 35.12
N SER B 191 -25.98 20.48 34.43
CA SER B 191 -25.69 19.69 33.22
C SER B 191 -25.62 20.57 31.97
N TYR B 192 -25.39 19.93 30.82
CA TYR B 192 -25.38 20.63 29.52
C TYR B 192 -26.17 19.78 28.54
N LYS B 193 -26.80 20.42 27.58
CA LYS B 193 -27.50 19.72 26.49
C LYS B 193 -26.67 19.89 25.23
N ILE B 194 -26.23 18.74 24.72
CA ILE B 194 -25.31 18.74 23.56
C ILE B 194 -26.10 18.51 22.27
N SER B 195 -25.87 19.37 21.29
CA SER B 195 -26.56 19.26 20.00
C SER B 195 -25.54 19.39 18.86
N GLY B 196 -25.55 18.43 17.95
CA GLY B 196 -24.63 18.46 16.81
C GLY B 196 -24.47 17.09 16.18
N THR B 197 -23.62 17.01 15.17
CA THR B 197 -23.40 15.73 14.46
C THR B 197 -21.90 15.41 14.42
N LYS B 198 -21.57 14.18 14.81
CA LYS B 198 -20.16 13.72 14.76
C LYS B 198 -20.12 12.56 13.75
N ILE B 199 -18.98 12.40 13.07
CA ILE B 199 -18.80 11.32 12.07
C ILE B 199 -17.53 10.54 12.42
N PHE B 200 -17.44 9.32 11.90
CA PHE B 200 -16.26 8.44 11.97
C PHE B 200 -16.03 8.05 13.43
N ILE B 201 -17.11 7.92 14.20
CA ILE B 201 -16.99 7.61 15.65
C ILE B 201 -16.91 6.09 15.80
N THR B 202 -15.70 5.59 16.04
CA THR B 202 -15.42 4.16 16.31
C THR B 202 -16.23 3.77 17.55
N GLY B 203 -17.01 2.71 17.45
CA GLY B 203 -17.76 2.18 18.60
C GLY B 203 -18.76 3.20 19.13
N GLY B 204 -19.20 4.17 18.31
CA GLY B 204 -20.27 5.12 18.70
C GLY B 204 -21.55 4.40 19.15
N GLU B 205 -21.80 3.25 18.53
CA GLU B 205 -22.95 2.39 18.82
C GLU B 205 -22.55 0.97 18.45
N HIS B 206 -22.93 0.00 19.27
CA HIS B 206 -22.61 -1.43 19.08
C HIS B 206 -23.43 -2.22 20.10
N ASP B 207 -23.24 -3.53 20.13
CA ASP B 207 -23.98 -4.46 21.03
C ASP B 207 -23.01 -5.16 21.97
N LEU B 208 -21.84 -4.58 22.28
CA LEU B 208 -20.87 -5.25 23.19
C LEU B 208 -21.15 -4.94 24.67
N THR B 209 -21.76 -3.80 24.98
CA THR B 209 -21.94 -3.29 26.36
C THR B 209 -23.33 -2.69 26.50
N GLU B 210 -23.87 -2.67 27.72
CA GLU B 210 -25.21 -2.11 28.05
C GLU B 210 -25.18 -0.57 27.99
N ASN B 211 -24.00 0.04 28.02
CA ASN B 211 -23.91 1.52 27.96
C ASN B 211 -22.60 1.90 27.30
N ILE B 212 -22.56 3.13 26.77
CA ILE B 212 -21.38 3.70 26.08
C ILE B 212 -21.26 5.13 26.58
N ILE B 213 -20.09 5.47 27.10
CA ILE B 213 -19.84 6.80 27.71
C ILE B 213 -19.06 7.63 26.68
N HIS B 214 -19.73 8.57 26.02
CA HIS B 214 -19.15 9.34 24.91
C HIS B 214 -18.39 10.50 25.51
N LEU B 215 -17.16 10.71 25.09
CA LEU B 215 -16.47 12.00 25.34
C LEU B 215 -16.63 12.88 24.11
N VAL B 216 -17.45 13.93 24.24
CA VAL B 216 -17.90 14.77 23.11
C VAL B 216 -17.25 16.14 23.16
N LEU B 217 -16.60 16.55 22.07
CA LEU B 217 -16.04 17.93 21.95
C LEU B 217 -17.17 18.82 21.46
N ALA B 218 -17.39 19.91 22.19
CA ALA B 218 -18.48 20.84 21.86
C ALA B 218 -18.07 22.22 22.36
N LYS B 219 -18.84 23.22 21.96
CA LYS B 219 -18.55 24.60 22.40
C LYS B 219 -19.79 25.20 23.07
N LEU B 220 -19.59 25.89 24.18
CA LEU B 220 -20.71 26.64 24.78
C LEU B 220 -21.12 27.71 23.78
N PRO B 221 -22.36 28.24 23.86
CA PRO B 221 -22.84 29.19 22.88
C PRO B 221 -22.04 30.51 22.86
N ASP B 222 -21.38 30.81 23.97
CA ASP B 222 -20.61 32.08 24.09
C ASP B 222 -19.12 31.80 23.93
N ALA B 223 -18.78 30.63 23.41
CA ALA B 223 -17.37 30.23 23.31
C ALA B 223 -16.63 31.06 22.28
N PRO B 224 -15.31 31.27 22.46
CA PRO B 224 -14.52 31.93 21.46
C PRO B 224 -14.37 31.06 20.22
N ALA B 225 -14.00 31.67 19.10
CA ALA B 225 -13.74 30.90 17.88
C ALA B 225 -12.42 30.15 18.02
N GLY B 226 -12.25 29.10 17.21
CA GLY B 226 -11.00 28.33 17.22
C GLY B 226 -10.86 27.41 18.42
N PRO B 227 -9.66 26.80 18.54
CA PRO B 227 -9.40 25.71 19.49
C PRO B 227 -9.48 26.14 20.96
N LYS B 228 -9.37 27.43 21.24
CA LYS B 228 -9.44 27.97 22.61
C LYS B 228 -10.90 28.16 23.04
N GLY B 229 -11.86 27.73 22.22
CA GLY B 229 -13.29 27.73 22.56
C GLY B 229 -13.79 26.32 22.81
N ILE B 230 -12.93 25.32 22.74
CA ILE B 230 -13.37 23.90 22.77
C ILE B 230 -13.50 23.42 24.21
N SER B 231 -14.57 22.69 24.48
CA SER B 231 -14.83 22.03 25.79
C SER B 231 -15.13 20.55 25.55
N LEU B 232 -15.01 19.75 26.61
CA LEU B 232 -15.20 18.29 26.56
C LEU B 232 -16.31 17.90 27.53
N PHE B 233 -17.18 17.00 27.08
CA PHE B 233 -18.38 16.57 27.82
C PHE B 233 -18.43 15.05 27.90
N LEU B 234 -18.88 14.56 29.04
CA LEU B 234 -19.28 13.15 29.25
C LEU B 234 -20.77 13.03 28.94
N VAL B 235 -21.11 12.28 27.90
CA VAL B 235 -22.51 12.15 27.39
C VAL B 235 -22.82 10.66 27.28
N PRO B 236 -23.55 10.09 28.26
CA PRO B 236 -23.87 8.67 28.21
C PRO B 236 -24.96 8.32 27.19
N LYS B 237 -24.84 7.14 26.59
CA LYS B 237 -25.86 6.63 25.66
C LYS B 237 -27.16 6.46 26.45
N VAL B 238 -27.03 5.93 27.66
CA VAL B 238 -28.15 5.67 28.59
C VAL B 238 -27.83 6.42 29.88
N LEU B 239 -28.75 7.30 30.27
CA LEU B 239 -28.62 8.04 31.53
C LEU B 239 -28.68 7.02 32.67
N VAL B 240 -27.96 7.31 33.72
CA VAL B 240 -27.74 6.39 34.87
C VAL B 240 -28.61 6.91 36.00
N ASN B 241 -29.55 6.10 36.48
CA ASN B 241 -30.38 6.43 37.67
C ASN B 241 -29.46 6.67 38.88
N ALA B 242 -29.93 7.41 39.87
CA ALA B 242 -29.23 7.74 41.14
C ALA B 242 -28.60 6.49 41.74
N ASP B 243 -29.32 5.36 41.70
CA ASP B 243 -28.90 4.06 42.31
C ASP B 243 -27.96 3.26 41.40
N GLY B 244 -27.49 3.84 40.29
CA GLY B 244 -26.52 3.17 39.40
C GLY B 244 -27.18 2.31 38.34
N SER B 245 -28.50 2.02 38.43
CA SER B 245 -29.21 1.26 37.37
C SER B 245 -29.26 2.12 36.11
N LEU B 246 -29.47 1.49 34.96
CA LEU B 246 -29.71 2.18 33.69
C LEU B 246 -31.09 2.84 33.68
N GLY B 247 -31.15 4.09 33.23
CA GLY B 247 -32.39 4.89 33.18
C GLY B 247 -32.78 5.19 31.76
N GLU B 248 -33.18 6.43 31.50
CA GLU B 248 -33.76 6.89 30.22
C GLU B 248 -32.67 6.90 29.15
N LYS B 249 -32.96 6.38 27.96
CA LYS B 249 -32.10 6.53 26.76
C LYS B 249 -31.85 8.02 26.54
N ASN B 250 -30.59 8.39 26.31
CA ASN B 250 -30.23 9.81 26.13
C ASN B 250 -30.71 10.20 24.73
N SER B 251 -30.85 11.50 24.54
CA SER B 251 -31.36 12.13 23.29
C SER B 251 -30.23 12.16 22.25
N LEU B 252 -29.79 10.98 21.82
CA LEU B 252 -28.70 10.83 20.85
C LEU B 252 -28.91 9.51 20.11
N GLY B 253 -28.31 9.37 18.95
CA GLY B 253 -28.39 8.08 18.25
C GLY B 253 -27.41 7.98 17.13
N CYS B 254 -27.26 6.75 16.63
CA CYS B 254 -26.40 6.48 15.46
C CYS B 254 -27.27 6.52 14.20
N GLY B 255 -27.02 7.49 13.33
CA GLY B 255 -27.80 7.58 12.09
C GLY B 255 -27.38 6.58 11.04
N SER B 256 -26.13 6.11 11.09
CA SER B 256 -25.59 5.21 10.05
C SER B 256 -24.18 4.74 10.38
N ILE B 257 -23.71 3.66 9.73
CA ILE B 257 -22.28 3.25 9.81
C ILE B 257 -21.68 3.36 8.43
N GLU B 258 -20.36 3.57 8.38
CA GLU B 258 -19.59 3.77 7.13
C GLU B 258 -19.32 2.42 6.47
N HIS B 259 -19.23 2.44 5.15
CA HIS B 259 -18.67 1.37 4.29
C HIS B 259 -17.20 1.70 4.10
N LYS B 260 -16.31 0.85 4.61
CA LYS B 260 -14.89 1.17 4.76
C LYS B 260 -14.01 0.19 3.96
N MET B 261 -12.78 0.61 3.69
CA MET B 261 -11.72 -0.25 3.09
C MET B 261 -11.48 -1.49 3.96
N GLY B 262 -11.41 -1.30 5.27
CA GLY B 262 -10.95 -2.29 6.25
C GLY B 262 -11.52 -2.03 7.63
N ILE B 263 -10.96 -2.72 8.63
CA ILE B 263 -11.58 -2.91 9.98
C ILE B 263 -13.10 -2.89 9.85
N LYS B 264 -13.66 -3.77 9.02
CA LYS B 264 -15.10 -3.73 8.69
C LYS B 264 -15.92 -4.14 9.92
N ALA B 265 -15.35 -4.88 10.87
CA ALA B 265 -16.05 -5.29 12.10
C ALA B 265 -16.01 -4.17 13.17
N SER B 266 -15.36 -3.05 12.88
CA SER B 266 -15.31 -1.83 13.70
C SER B 266 -16.43 -0.88 13.25
N ALA B 267 -17.50 -0.80 14.04
CA ALA B 267 -18.66 0.09 13.80
C ALA B 267 -18.17 1.55 13.79
N THR B 268 -18.28 2.20 12.62
CA THR B 268 -17.82 3.60 12.39
C THR B 268 -19.06 4.48 12.16
N CYS B 269 -19.44 5.26 13.18
CA CYS B 269 -20.82 5.77 13.37
C CYS B 269 -20.94 7.26 13.07
N VAL B 270 -21.99 7.62 12.33
CA VAL B 270 -22.54 9.01 12.37
C VAL B 270 -23.34 9.10 13.66
N MET B 271 -22.91 9.97 14.56
CA MET B 271 -23.60 10.10 15.86
C MET B 271 -24.33 11.43 15.90
N ASN B 272 -25.64 11.38 16.11
CA ASN B 272 -26.46 12.60 16.17
C ASN B 272 -26.86 12.90 17.62
N PHE B 273 -26.59 14.12 18.08
CA PHE B 273 -26.94 14.54 19.44
C PHE B 273 -28.03 15.60 19.38
N ASP B 274 -29.18 15.30 19.99
CA ASP B 274 -30.29 16.27 19.98
C ASP B 274 -30.60 16.69 21.42
N GLY B 275 -29.89 17.70 21.90
CA GLY B 275 -30.08 18.12 23.29
C GLY B 275 -29.78 16.98 24.24
N ALA B 276 -28.74 16.22 23.93
CA ALA B 276 -28.32 15.10 24.80
C ALA B 276 -27.73 15.64 26.10
N THR B 277 -28.13 15.04 27.20
CA THR B 277 -27.62 15.48 28.53
C THR B 277 -26.17 15.02 28.71
N GLY B 278 -25.32 15.93 29.16
CA GLY B 278 -23.91 15.61 29.43
C GLY B 278 -23.32 16.48 30.51
N TRP B 279 -22.10 16.18 30.90
CA TRP B 279 -21.44 16.95 31.98
C TRP B 279 -20.03 17.35 31.57
N LEU B 280 -19.67 18.57 31.94
CA LEU B 280 -18.33 19.07 31.59
C LEU B 280 -17.22 18.23 32.21
N VAL B 281 -16.22 17.89 31.42
CA VAL B 281 -14.96 17.24 31.87
C VAL B 281 -13.87 18.31 31.82
N GLY B 282 -13.22 18.54 32.94
CA GLY B 282 -12.16 19.57 33.02
C GLY B 282 -12.77 20.96 33.05
N GLU B 283 -12.17 21.89 32.35
CA GLU B 283 -12.52 23.32 32.39
C GLU B 283 -13.06 23.74 31.03
N VAL B 284 -13.96 24.71 31.04
CA VAL B 284 -14.52 25.35 29.82
C VAL B 284 -13.35 25.91 29.02
N ASN B 285 -13.38 25.74 27.70
CA ASN B 285 -12.37 26.25 26.73
C ASN B 285 -11.05 25.47 26.80
N LYS B 286 -10.96 24.43 27.64
CA LYS B 286 -9.71 23.64 27.80
C LYS B 286 -10.00 22.17 27.51
N GLY B 287 -10.88 21.92 26.54
CA GLY B 287 -11.25 20.58 26.08
C GLY B 287 -10.06 19.86 25.47
N LEU B 288 -9.22 20.56 24.72
CA LEU B 288 -8.05 19.88 24.07
C LEU B 288 -7.05 19.47 25.16
N ALA B 289 -6.82 20.32 26.16
CA ALA B 289 -5.88 20.02 27.26
C ALA B 289 -6.44 18.84 28.06
N ALA B 290 -7.77 18.69 28.15
CA ALA B 290 -8.37 17.57 28.88
C ALA B 290 -7.99 16.22 28.24
N MET B 291 -7.60 16.23 26.96
CA MET B 291 -7.23 15.01 26.19
C MET B 291 -5.69 14.85 26.06
N PHE B 292 -4.90 15.70 26.70
CA PHE B 292 -3.43 15.71 26.47
C PHE B 292 -2.83 14.33 26.82
N THR B 293 -3.10 13.81 28.01
CA THR B 293 -2.55 12.49 28.49
C THR B 293 -3.10 11.38 27.60
N MET B 294 -4.42 11.38 27.40
CA MET B 294 -5.11 10.37 26.58
C MET B 294 -4.39 10.26 25.23
N MET B 295 -4.09 11.37 24.58
CA MET B 295 -3.51 11.39 23.21
C MET B 295 -2.04 10.99 23.24
N ASN B 296 -1.27 11.29 24.29
CA ASN B 296 0.11 10.75 24.41
C ASN B 296 0.08 9.22 24.33
N TYR B 297 -0.80 8.61 25.11
CA TYR B 297 -0.95 7.13 25.19
C TYR B 297 -1.55 6.60 23.87
N ALA B 298 -2.51 7.31 23.29
CA ALA B 298 -3.19 6.90 22.04
C ALA B 298 -2.18 6.92 20.87
N ARG B 299 -1.27 7.89 20.78
CA ARG B 299 -0.25 7.95 19.71
C ARG B 299 0.57 6.65 19.71
N LEU B 300 1.04 6.21 20.87
CA LEU B 300 1.79 4.93 20.96
C LEU B 300 0.84 3.78 20.60
N GLY B 301 -0.38 3.77 21.13
CA GLY B 301 -1.36 2.71 20.89
C GLY B 301 -1.66 2.53 19.40
N VAL B 302 -1.71 3.63 18.64
CA VAL B 302 -1.98 3.54 17.17
C VAL B 302 -0.76 2.97 16.44
N GLY B 303 0.45 3.39 16.80
CA GLY B 303 1.70 2.77 16.33
C GLY B 303 1.66 1.27 16.56
N ILE B 304 1.29 0.86 17.76
CA ILE B 304 1.25 -0.56 18.15
C ILE B 304 0.24 -1.27 17.26
N ALA B 305 -0.88 -0.64 16.90
CA ALA B 305 -1.91 -1.24 16.03
C ALA B 305 -1.31 -1.55 14.65
N GLY B 306 -0.58 -0.59 14.05
CA GLY B 306 0.12 -0.79 12.77
C GLY B 306 1.12 -1.93 12.85
N LEU B 307 2.00 -1.90 13.85
CA LEU B 307 2.97 -2.95 14.13
C LEU B 307 2.26 -4.30 14.23
N ALA B 308 1.15 -4.36 14.98
CA ALA B 308 0.39 -5.60 15.25
C ALA B 308 -0.06 -6.24 13.92
N THR B 309 -0.45 -5.44 12.92
CA THR B 309 -0.87 -5.99 11.61
C THR B 309 0.37 -6.55 10.87
N GLY B 310 1.50 -5.84 10.91
CA GLY B 310 2.77 -6.34 10.39
C GLY B 310 3.17 -7.66 11.04
N GLU B 311 3.06 -7.76 12.36
CA GLU B 311 3.44 -9.02 13.08
C GLU B 311 2.53 -10.14 12.59
N ARG B 312 1.22 -9.90 12.48
CA ARG B 312 0.27 -10.94 12.05
C ARG B 312 0.58 -11.37 10.61
N SER B 313 0.94 -10.43 9.73
CA SER B 313 1.28 -10.73 8.31
C SER B 313 2.54 -11.59 8.22
N TYR B 314 3.54 -11.29 9.07
CA TYR B 314 4.81 -12.06 9.04
C TYR B 314 4.52 -13.52 9.42
N GLN B 315 3.70 -13.73 10.44
CA GLN B 315 3.41 -15.11 10.89
C GLN B 315 2.80 -15.90 9.72
N SER B 316 1.88 -15.28 9.00
CA SER B 316 1.30 -15.93 7.78
C SER B 316 2.36 -16.12 6.72
N ALA B 317 3.20 -15.12 6.51
CA ALA B 317 4.17 -15.16 5.40
C ALA B 317 5.27 -16.21 5.61
N ILE B 318 5.77 -16.34 6.82
CA ILE B 318 6.90 -17.28 7.03
C ILE B 318 6.39 -18.72 6.90
N GLU B 319 5.18 -18.97 7.40
CA GLU B 319 4.59 -20.32 7.30
C GLU B 319 4.40 -20.65 5.82
N TYR B 320 3.90 -19.68 5.06
CA TYR B 320 3.67 -19.85 3.61
C TYR B 320 4.99 -20.03 2.87
N ALA B 321 6.01 -19.23 3.21
CA ALA B 321 7.30 -19.29 2.48
C ALA B 321 8.00 -20.64 2.72
N ARG B 322 7.66 -21.32 3.81
CA ARG B 322 8.27 -22.63 4.12
C ARG B 322 7.47 -23.77 3.48
N GLU B 323 6.21 -23.51 3.14
CA GLU B 323 5.31 -24.59 2.62
C GLU B 323 5.15 -24.48 1.10
N ARG B 324 4.95 -23.27 0.58
CA ARG B 324 4.82 -23.08 -0.90
C ARG B 324 6.13 -23.46 -1.59
N ILE B 325 6.07 -24.40 -2.54
CA ILE B 325 7.26 -24.76 -3.37
C ILE B 325 7.05 -24.19 -4.77
N GLN B 326 8.10 -23.60 -5.32
CA GLN B 326 8.05 -22.98 -6.66
C GLN B 326 9.48 -22.69 -7.12
N SER B 327 9.87 -23.21 -8.29
CA SER B 327 11.19 -23.00 -8.91
C SER B 327 12.26 -23.65 -8.02
N ARG B 328 13.53 -23.35 -8.28
CA ARG B 328 14.71 -23.93 -7.61
C ARG B 328 15.60 -22.77 -7.14
N ALA B 329 16.27 -22.93 -6.01
CA ALA B 329 17.26 -21.95 -5.51
C ALA B 329 18.25 -21.64 -6.62
N PRO B 330 18.72 -20.39 -6.71
CA PRO B 330 19.70 -20.03 -7.73
C PRO B 330 21.02 -20.83 -7.63
N THR B 331 21.44 -21.27 -6.42
CA THR B 331 22.69 -22.06 -6.23
C THR B 331 22.41 -23.55 -6.47
N GLY B 332 21.18 -23.92 -6.83
CA GLY B 332 20.83 -25.29 -7.24
C GLY B 332 19.79 -25.91 -6.31
N PRO B 333 19.09 -26.97 -6.80
CA PRO B 333 17.98 -27.57 -6.06
C PRO B 333 18.35 -27.83 -4.59
N VAL B 334 17.49 -27.34 -3.69
CA VAL B 334 17.65 -27.47 -2.22
C VAL B 334 16.81 -28.65 -1.73
N ALA B 335 15.59 -28.85 -2.26
CA ALA B 335 14.61 -29.90 -1.87
C ALA B 335 14.57 -30.97 -2.97
N LYS B 336 15.61 -31.79 -3.02
CA LYS B 336 15.85 -32.82 -4.06
C LYS B 336 14.72 -33.87 -4.05
N ASP B 337 14.11 -34.10 -2.89
CA ASP B 337 12.98 -35.06 -2.69
C ASP B 337 11.67 -34.54 -3.29
N LYS B 338 11.63 -33.31 -3.81
CA LYS B 338 10.36 -32.64 -4.24
C LYS B 338 10.53 -32.07 -5.65
N ALA B 339 9.43 -31.62 -6.25
CA ALA B 339 9.36 -31.09 -7.63
C ALA B 339 9.86 -29.64 -7.69
N ALA B 340 10.01 -28.98 -6.55
CA ALA B 340 10.42 -27.56 -6.48
C ALA B 340 10.90 -27.25 -5.05
N ASP B 341 11.52 -26.09 -4.87
CA ASP B 341 12.08 -25.68 -3.55
C ASP B 341 11.10 -24.75 -2.83
N PRO B 342 11.06 -24.81 -1.49
CA PRO B 342 10.28 -23.85 -0.70
C PRO B 342 10.74 -22.44 -1.09
N ILE B 343 9.79 -21.53 -1.28
CA ILE B 343 10.11 -20.18 -1.86
C ILE B 343 11.05 -19.36 -0.97
N ILE B 344 11.23 -19.76 0.28
CA ILE B 344 12.19 -19.05 1.19
C ILE B 344 13.62 -19.12 0.62
N VAL B 345 13.88 -20.03 -0.32
CA VAL B 345 15.23 -20.17 -0.90
C VAL B 345 15.56 -18.97 -1.80
N HIS B 346 14.54 -18.25 -2.23
CA HIS B 346 14.76 -17.20 -3.27
C HIS B 346 15.19 -15.91 -2.61
N PRO B 347 16.28 -15.27 -3.11
CA PRO B 347 16.77 -14.02 -2.58
C PRO B 347 15.68 -12.97 -2.35
N ASP B 348 14.80 -12.74 -3.32
CA ASP B 348 13.78 -11.67 -3.22
C ASP B 348 12.77 -12.00 -2.12
N VAL B 349 12.45 -13.28 -1.94
CA VAL B 349 11.52 -13.71 -0.88
C VAL B 349 12.16 -13.45 0.50
N ARG B 350 13.43 -13.80 0.62
CA ARG B 350 14.17 -13.54 1.88
C ARG B 350 14.22 -12.03 2.12
N ARG B 351 14.47 -11.25 1.08
CA ARG B 351 14.50 -9.76 1.23
C ARG B 351 13.20 -9.27 1.84
N MET B 352 12.07 -9.70 1.28
CA MET B 352 10.75 -9.24 1.77
C MET B 352 10.52 -9.72 3.21
N LEU B 353 10.79 -10.99 3.47
CA LEU B 353 10.57 -11.57 4.82
C LEU B 353 11.44 -10.81 5.85
N LEU B 354 12.71 -10.60 5.52
CA LEU B 354 13.63 -9.95 6.48
C LEU B 354 13.28 -8.47 6.67
N THR B 355 12.73 -7.84 5.63
CA THR B 355 12.30 -6.44 5.78
C THR B 355 11.19 -6.42 6.82
N MET B 356 10.19 -7.31 6.67
CA MET B 356 9.10 -7.42 7.65
C MET B 356 9.68 -7.73 9.04
N LYS B 357 10.54 -8.74 9.14
CA LYS B 357 11.08 -9.18 10.44
C LYS B 357 11.84 -8.05 11.15
N ALA B 358 12.68 -7.34 10.41
CA ALA B 358 13.49 -6.27 11.02
C ALA B 358 12.61 -5.08 11.43
N LEU B 359 11.59 -4.78 10.63
CA LEU B 359 10.65 -3.69 10.96
C LEU B 359 9.78 -4.12 12.13
N ASN B 360 9.27 -5.34 12.14
CA ASN B 360 8.41 -5.78 13.26
C ASN B 360 9.22 -5.75 14.56
N GLU B 361 10.40 -6.37 14.57
CA GLU B 361 11.19 -6.53 15.82
C GLU B 361 11.72 -5.17 16.26
N GLY B 362 12.16 -4.32 15.33
CA GLY B 362 12.61 -2.95 15.65
C GLY B 362 11.46 -2.13 16.19
N GLY B 363 10.29 -2.24 15.55
CA GLY B 363 9.08 -1.53 15.98
C GLY B 363 8.64 -1.96 17.37
N ARG B 364 8.73 -3.26 17.65
CA ARG B 364 8.34 -3.80 18.97
C ARG B 364 9.28 -3.21 20.04
N ALA B 365 10.60 -3.23 19.78
CA ALA B 365 11.60 -2.63 20.69
C ALA B 365 11.25 -1.16 20.90
N PHE B 366 10.99 -0.41 19.83
CA PHE B 366 10.74 1.04 19.96
C PHE B 366 9.43 1.30 20.72
N SER B 367 8.42 0.47 20.51
CA SER B 367 7.12 0.58 21.23
C SER B 367 7.38 0.43 22.75
N SER B 368 8.19 -0.55 23.13
CA SER B 368 8.54 -0.81 24.55
C SER B 368 9.37 0.36 25.12
N TYR B 369 10.32 0.88 24.36
CA TYR B 369 11.13 2.04 24.76
C TYR B 369 10.23 3.23 25.07
N VAL B 370 9.27 3.49 24.18
CA VAL B 370 8.34 4.63 24.36
C VAL B 370 7.44 4.34 25.57
N ALA B 371 6.90 3.12 25.71
CA ALA B 371 6.08 2.74 26.88
C ALA B 371 6.88 3.00 28.16
N MET B 372 8.18 2.70 28.14
CA MET B 372 9.10 2.88 29.28
C MET B 372 9.19 4.38 29.64
N GLN B 373 9.20 5.27 28.65
CA GLN B 373 9.21 6.72 28.90
C GLN B 373 7.88 7.13 29.55
N LEU B 374 6.75 6.55 29.12
CA LEU B 374 5.44 6.92 29.69
C LEU B 374 5.41 6.47 31.16
N ASP B 375 5.91 5.26 31.44
CA ASP B 375 5.95 4.73 32.81
C ASP B 375 6.89 5.60 33.68
N THR B 376 8.05 6.00 33.17
CA THR B 376 8.98 6.90 33.92
C THR B 376 8.28 8.22 34.23
N ALA B 377 7.63 8.84 33.23
CA ALA B 377 6.92 10.13 33.36
C ALA B 377 5.87 10.01 34.47
N LYS B 378 5.18 8.87 34.54
CA LYS B 378 4.07 8.62 35.49
C LYS B 378 4.63 8.27 36.88
N TYR B 379 5.58 7.35 36.98
CA TYR B 379 5.86 6.61 38.25
C TYR B 379 7.12 7.09 38.96
N SER B 380 8.05 7.79 38.29
CA SER B 380 9.35 8.18 38.91
C SER B 380 9.09 9.16 40.06
N GLU B 381 9.77 8.93 41.18
CA GLU B 381 9.77 9.78 42.42
C GLU B 381 10.65 11.03 42.21
N ASP B 382 11.54 11.03 41.21
CA ASP B 382 12.52 12.12 40.91
C ASP B 382 11.89 13.06 39.88
N ALA B 383 11.74 14.34 40.20
CA ALA B 383 11.12 15.37 39.34
C ALA B 383 11.96 15.59 38.06
N VAL B 384 13.29 15.63 38.14
CA VAL B 384 14.14 15.84 36.94
C VAL B 384 14.02 14.61 36.02
N THR B 385 13.89 13.41 36.58
CA THR B 385 13.73 12.14 35.82
C THR B 385 12.37 12.18 35.11
N ARG B 386 11.31 12.53 35.84
CA ARG B 386 9.93 12.64 35.30
C ARG B 386 9.91 13.62 34.12
N LYS B 387 10.55 14.78 34.29
CA LYS B 387 10.54 15.86 33.28
C LYS B 387 11.29 15.43 32.01
N ARG B 388 12.46 14.82 32.15
CA ARG B 388 13.17 14.26 30.98
C ARG B 388 12.28 13.22 30.29
N ALA B 389 11.63 12.34 31.03
CA ALA B 389 10.74 11.31 30.46
C ALA B 389 9.58 11.99 29.71
N GLU B 390 8.97 13.05 30.28
CA GLU B 390 7.87 13.84 29.66
C GLU B 390 8.34 14.41 28.31
N GLU B 391 9.58 14.92 28.25
CA GLU B 391 10.14 15.53 27.01
C GLU B 391 10.37 14.42 25.98
N LEU B 392 10.83 13.25 26.40
CA LEU B 392 11.01 12.13 25.45
C LEU B 392 9.65 11.60 25.00
N VAL B 393 8.64 11.60 25.87
CA VAL B 393 7.26 11.22 25.46
C VAL B 393 6.84 12.20 24.37
N ALA B 394 7.03 13.50 24.57
CA ALA B 394 6.52 14.54 23.63
C ALA B 394 7.24 14.39 22.28
N LEU B 395 8.54 14.10 22.30
CA LEU B 395 9.36 13.93 21.09
C LEU B 395 8.98 12.62 20.36
N LEU B 396 8.82 11.53 21.09
CA LEU B 396 8.86 10.18 20.50
C LEU B 396 7.45 9.66 20.19
N THR B 397 6.38 10.11 20.88
CA THR B 397 5.02 9.57 20.59
C THR B 397 4.59 9.88 19.15
N PRO B 398 4.83 11.06 18.55
CA PRO B 398 4.47 11.24 17.14
C PRO B 398 5.26 10.31 16.23
N VAL B 399 6.52 10.08 16.56
CA VAL B 399 7.37 9.14 15.79
C VAL B 399 6.73 7.75 15.90
N ALA B 400 6.39 7.29 17.09
CA ALA B 400 5.75 5.96 17.26
C ALA B 400 4.48 5.87 16.41
N LYS B 401 3.65 6.91 16.46
CA LYS B 401 2.38 6.95 15.70
C LYS B 401 2.66 6.79 14.21
N ALA B 402 3.37 7.72 13.59
CA ALA B 402 3.54 7.77 12.12
C ALA B 402 4.48 6.70 11.61
N PHE B 403 5.60 6.45 12.32
CA PHE B 403 6.64 5.55 11.80
C PHE B 403 6.18 4.10 11.92
N LEU B 404 5.63 3.68 13.05
CA LEU B 404 5.21 2.26 13.18
C LEU B 404 4.07 1.95 12.21
N THR B 405 3.19 2.91 11.93
CA THR B 405 2.03 2.71 11.00
C THR B 405 2.54 2.68 9.55
N ASP B 406 3.42 3.61 9.15
CA ASP B 406 4.03 3.63 7.80
C ASP B 406 4.86 2.35 7.57
N MET B 407 5.63 1.91 8.56
CA MET B 407 6.44 0.66 8.44
C MET B 407 5.52 -0.57 8.49
N GLY B 408 4.46 -0.51 9.29
CA GLY B 408 3.47 -1.58 9.31
C GLY B 408 2.84 -1.75 7.93
N LEU B 409 2.58 -0.65 7.21
CA LEU B 409 1.93 -0.75 5.90
C LEU B 409 2.89 -1.45 4.93
N GLU B 410 4.14 -1.00 4.90
CA GLU B 410 5.15 -1.64 4.03
C GLU B 410 5.23 -3.13 4.39
N THR B 411 5.20 -3.44 5.67
CA THR B 411 5.34 -4.82 6.20
C THR B 411 4.17 -5.64 5.65
N THR B 412 2.95 -5.13 5.72
CA THR B 412 1.73 -5.90 5.29
C THR B 412 1.78 -6.12 3.77
N ILE B 413 2.36 -5.18 3.03
CA ILE B 413 2.45 -5.23 1.56
C ILE B 413 3.48 -6.29 1.17
N HIS B 414 4.64 -6.32 1.83
CA HIS B 414 5.63 -7.42 1.64
C HIS B 414 4.97 -8.76 1.97
N GLY B 415 4.20 -8.82 3.07
CA GLY B 415 3.54 -10.05 3.53
C GLY B 415 2.59 -10.61 2.49
N GLN B 416 1.83 -9.72 1.85
CA GLN B 416 0.95 -10.08 0.72
C GLN B 416 1.80 -10.48 -0.50
N GLN B 417 2.77 -9.65 -0.90
CA GLN B 417 3.57 -9.87 -2.13
C GLN B 417 4.33 -11.20 -2.07
N ILE B 418 4.79 -11.61 -0.89
CA ILE B 418 5.45 -12.94 -0.73
C ILE B 418 4.54 -14.05 -1.29
N PHE B 419 3.23 -13.95 -1.15
CA PHE B 419 2.27 -14.99 -1.58
C PHE B 419 2.08 -14.97 -3.12
N GLY B 420 2.65 -14.00 -3.83
CA GLY B 420 2.34 -13.73 -5.24
C GLY B 420 0.84 -13.53 -5.44
N GLY B 421 0.28 -14.16 -6.48
CA GLY B 421 -1.14 -14.03 -6.82
C GLY B 421 -2.03 -14.59 -5.73
N HIS B 422 -1.59 -15.62 -5.01
CA HIS B 422 -2.37 -16.18 -3.88
C HIS B 422 -2.62 -15.10 -2.80
N GLY B 423 -1.74 -14.10 -2.67
CA GLY B 423 -1.87 -13.04 -1.64
C GLY B 423 -3.03 -12.10 -1.95
N PHE B 424 -3.53 -12.14 -3.19
CA PHE B 424 -4.67 -11.29 -3.63
C PHE B 424 -5.98 -11.98 -3.27
N ILE B 425 -5.90 -13.23 -2.81
CA ILE B 425 -7.12 -14.01 -2.46
C ILE B 425 -7.45 -13.78 -0.97
N ARG B 426 -8.71 -13.48 -0.66
CA ARG B 426 -9.08 -13.10 0.73
C ARG B 426 -8.89 -14.23 1.75
N GLU B 427 -9.09 -15.48 1.35
CA GLU B 427 -9.00 -16.63 2.30
C GLU B 427 -7.62 -16.73 2.96
N TRP B 428 -6.58 -16.14 2.36
CA TRP B 428 -5.21 -16.21 2.93
C TRP B 428 -5.00 -15.12 4.00
N GLY B 429 -5.89 -14.12 4.07
CA GLY B 429 -5.85 -13.13 5.16
C GLY B 429 -4.88 -11.98 4.98
N GLN B 430 -3.95 -12.09 4.05
CA GLN B 430 -2.89 -11.06 3.88
C GLN B 430 -3.48 -9.74 3.34
N GLU B 431 -4.42 -9.84 2.42
CA GLU B 431 -5.00 -8.63 1.80
C GLU B 431 -5.78 -7.83 2.87
N GLN B 432 -6.45 -8.52 3.79
CA GLN B 432 -7.22 -7.84 4.85
C GLN B 432 -6.29 -7.04 5.75
N LEU B 433 -5.10 -7.59 6.05
CA LEU B 433 -4.16 -6.92 6.98
C LEU B 433 -3.66 -5.63 6.34
N VAL B 434 -3.48 -5.62 5.03
CA VAL B 434 -3.11 -4.35 4.34
C VAL B 434 -4.25 -3.34 4.55
N ARG B 435 -5.49 -3.78 4.29
CA ARG B 435 -6.67 -2.87 4.41
C ARG B 435 -6.81 -2.37 5.85
N ASP B 436 -6.69 -3.28 6.82
CA ASP B 436 -6.75 -2.92 8.25
C ASP B 436 -5.61 -1.93 8.57
N CYS B 437 -4.39 -2.25 8.15
CA CYS B 437 -3.21 -1.42 8.47
C CYS B 437 -3.40 0.02 7.96
N ARG B 438 -3.99 0.21 6.79
CA ARG B 438 -4.25 1.57 6.24
C ARG B 438 -5.01 2.45 7.26
N ILE B 439 -5.90 1.92 8.08
CA ILE B 439 -6.68 2.74 9.07
C ILE B 439 -5.73 3.42 10.08
N THR B 440 -4.63 2.74 10.46
CA THR B 440 -3.71 3.22 11.51
C THR B 440 -3.00 4.49 11.06
N GLN B 441 -2.89 4.72 9.75
CA GLN B 441 -2.20 5.94 9.23
C GLN B 441 -3.11 7.17 9.25
N ILE B 442 -4.40 7.01 9.58
CA ILE B 442 -5.34 8.17 9.71
C ILE B 442 -6.07 8.12 11.06
N TYR B 443 -5.89 7.08 11.86
CA TYR B 443 -6.56 6.93 13.17
C TYR B 443 -5.81 7.79 14.19
N GLU B 444 -6.53 8.53 15.04
CA GLU B 444 -5.95 9.55 15.95
C GLU B 444 -5.20 10.56 15.07
N GLY B 445 -5.82 10.92 13.95
CA GLY B 445 -5.36 11.93 13.00
C GLY B 445 -4.39 11.37 11.97
N THR B 446 -4.08 12.17 10.97
CA THR B 446 -3.26 11.74 9.81
C THR B 446 -1.81 11.70 10.26
N ASN B 447 -0.99 10.90 9.61
CA ASN B 447 0.45 10.82 9.92
C ASN B 447 1.11 12.15 9.53
N GLY B 448 0.56 12.84 8.54
CA GLY B 448 1.15 14.12 8.09
C GLY B 448 1.13 15.15 9.23
N ILE B 449 0.06 15.11 10.03
CA ILE B 449 -0.17 16.00 11.21
C ILE B 449 0.77 15.58 12.33
N GLN B 450 0.93 14.28 12.56
CA GLN B 450 1.93 13.78 13.53
C GLN B 450 3.33 14.31 13.15
N ALA B 451 3.75 14.21 11.89
CA ALA B 451 5.10 14.62 11.44
C ALA B 451 5.25 16.13 11.57
N LEU B 452 4.17 16.88 11.31
CA LEU B 452 4.21 18.35 11.46
C LEU B 452 4.39 18.70 12.95
N ASP B 453 3.74 17.96 13.84
CA ASP B 453 3.95 18.16 15.30
C ASP B 453 5.42 17.91 15.64
N LEU B 454 6.00 16.80 15.16
CA LEU B 454 7.40 16.49 15.47
C LEU B 454 8.30 17.66 15.07
N VAL B 455 8.30 18.07 13.80
CA VAL B 455 9.30 19.07 13.33
C VAL B 455 8.95 20.45 13.88
N GLY B 456 7.66 20.81 13.92
CA GLY B 456 7.14 22.14 14.32
C GLY B 456 7.34 22.40 15.80
N ARG B 457 6.73 21.57 16.65
CA ARG B 457 6.67 21.78 18.10
C ARG B 457 7.83 21.06 18.80
N LYS B 458 8.12 19.80 18.44
CA LYS B 458 9.10 19.00 19.22
C LYS B 458 10.55 19.31 18.81
N VAL B 459 10.79 19.73 17.57
CA VAL B 459 12.17 20.00 17.13
C VAL B 459 12.35 21.52 17.12
N ILE B 460 11.74 22.25 16.18
CA ILE B 460 11.88 23.74 16.09
C ILE B 460 11.48 24.33 17.46
N GLY B 461 10.38 23.87 18.03
CA GLY B 461 9.77 24.47 19.24
C GLY B 461 10.68 24.34 20.45
N SER B 462 11.55 23.32 20.54
CA SER B 462 12.50 23.14 21.68
C SER B 462 13.91 23.56 21.27
N GLY B 463 14.10 24.17 20.10
CA GLY B 463 15.44 24.50 19.58
C GLY B 463 16.27 23.25 19.39
N GLY B 464 15.63 22.08 19.28
CA GLY B 464 16.33 20.81 19.12
C GLY B 464 16.71 20.18 20.45
N ALA B 465 16.43 20.82 21.57
CA ALA B 465 16.87 20.32 22.90
C ALA B 465 16.25 18.95 23.20
N PHE B 466 14.98 18.73 22.84
CA PHE B 466 14.28 17.45 23.13
C PHE B 466 14.99 16.32 22.39
N SER B 467 15.37 16.55 21.14
CA SER B 467 16.10 15.58 20.30
C SER B 467 17.47 15.27 20.91
N ARG B 468 18.18 16.30 21.38
CA ARG B 468 19.52 16.13 22.01
C ARG B 468 19.41 15.25 23.27
N HIS B 469 18.28 15.25 23.99
CA HIS B 469 18.13 14.34 25.15
C HIS B 469 18.20 12.91 24.65
N PHE B 470 17.59 12.63 23.50
CA PHE B 470 17.54 11.29 22.90
C PHE B 470 18.91 10.91 22.34
N THR B 471 19.49 11.76 21.51
CA THR B 471 20.77 11.46 20.83
C THR B 471 21.93 11.49 21.83
N ASP B 472 21.85 12.24 22.93
CA ASP B 472 22.86 12.16 24.01
C ASP B 472 22.87 10.74 24.59
N GLU B 473 21.68 10.17 24.84
CA GLU B 473 21.59 8.80 25.40
C GLU B 473 22.20 7.82 24.41
N ILE B 474 21.93 8.01 23.11
CA ILE B 474 22.48 7.12 22.05
C ILE B 474 24.00 7.23 22.04
N LYS B 475 24.54 8.44 22.08
CA LYS B 475 26.00 8.68 22.04
C LYS B 475 26.67 8.07 23.28
N ALA B 476 26.03 8.11 24.45
CA ALA B 476 26.63 7.53 25.68
C ALA B 476 26.68 6.01 25.48
N PHE B 477 25.61 5.45 24.93
CA PHE B 477 25.57 4.02 24.53
C PHE B 477 26.76 3.69 23.62
N VAL B 478 26.93 4.43 22.53
CA VAL B 478 28.06 4.23 21.57
C VAL B 478 29.40 4.26 22.34
N ALA B 479 29.61 5.27 23.18
CA ALA B 479 30.88 5.45 23.93
C ALA B 479 31.14 4.22 24.82
N SER B 480 30.09 3.54 25.28
CA SER B 480 30.18 2.35 26.16
C SER B 480 30.53 1.09 25.36
N ALA B 481 30.37 1.08 24.03
CA ALA B 481 30.37 -0.16 23.22
C ALA B 481 31.73 -0.87 23.28
N ASP B 482 31.73 -2.19 23.46
CA ASP B 482 32.96 -3.02 23.26
C ASP B 482 33.23 -3.21 21.75
N GLU B 483 34.34 -3.87 21.41
CA GLU B 483 34.79 -4.03 20.00
C GLU B 483 33.71 -4.79 19.21
N ALA B 484 33.06 -5.82 19.78
CA ALA B 484 32.10 -6.63 19.03
C ALA B 484 30.88 -5.77 18.67
N LEU B 485 30.39 -4.99 19.63
CA LEU B 485 29.20 -4.15 19.43
C LEU B 485 29.51 -3.01 18.46
N GLY B 486 30.79 -2.70 18.27
CA GLY B 486 31.21 -1.69 17.28
C GLY B 486 30.68 -1.94 15.88
N GLU B 487 30.49 -3.21 15.52
CA GLU B 487 29.86 -3.56 14.22
C GLU B 487 28.58 -2.75 14.05
N PHE B 488 27.84 -2.57 15.14
CA PHE B 488 26.54 -1.87 15.08
C PHE B 488 26.65 -0.43 15.59
N SER B 489 27.45 -0.19 16.63
CA SER B 489 27.57 1.16 17.24
C SER B 489 28.17 2.15 16.26
N LYS B 490 29.07 1.68 15.40
CA LYS B 490 29.77 2.59 14.46
C LYS B 490 28.78 3.14 13.43
N PRO B 491 28.02 2.32 12.68
CA PRO B 491 27.00 2.86 11.77
C PRO B 491 25.86 3.61 12.48
N LEU B 492 25.49 3.16 13.66
CA LEU B 492 24.56 3.93 14.54
C LEU B 492 25.07 5.36 14.75
N ALA B 493 26.33 5.52 15.14
CA ALA B 493 26.91 6.86 15.40
C ALA B 493 26.84 7.70 14.13
N ALA B 494 27.14 7.10 12.96
CA ALA B 494 27.09 7.81 11.66
C ALA B 494 25.66 8.25 11.38
N ALA B 495 24.68 7.41 11.69
CA ALA B 495 23.25 7.73 11.50
C ALA B 495 22.85 8.91 12.43
N VAL B 496 23.30 8.88 13.68
CA VAL B 496 23.02 9.97 14.66
C VAL B 496 23.58 11.28 14.12
N GLU B 497 24.81 11.27 13.62
CA GLU B 497 25.47 12.47 13.03
C GLU B 497 24.65 12.96 11.84
N ASN B 498 24.15 12.03 11.01
CA ASN B 498 23.34 12.43 9.81
C ASN B 498 22.08 13.15 10.31
N LEU B 499 21.42 12.63 11.34
CA LEU B 499 20.16 13.19 11.86
C LEU B 499 20.42 14.57 12.51
N GLU B 500 21.54 14.72 13.22
CA GLU B 500 21.93 16.00 13.88
C GLU B 500 22.17 17.07 12.83
N GLU B 501 22.92 16.76 11.77
CA GLU B 501 23.19 17.71 10.66
C GLU B 501 21.86 18.09 9.96
N LEU B 502 20.96 17.14 9.74
CA LEU B 502 19.66 17.40 9.09
C LEU B 502 18.84 18.29 10.04
N THR B 503 18.88 18.02 11.34
CA THR B 503 18.19 18.87 12.35
C THR B 503 18.72 20.31 12.26
N ALA B 504 20.05 20.49 12.25
CA ALA B 504 20.68 21.83 12.15
C ALA B 504 20.29 22.49 10.82
N TRP B 505 20.33 21.75 9.71
CA TRP B 505 19.85 22.27 8.40
C TRP B 505 18.44 22.84 8.57
N LEU B 506 17.56 22.11 9.25
CA LEU B 506 16.11 22.43 9.29
C LEU B 506 15.87 23.65 10.20
N LEU B 507 16.49 23.69 11.38
CA LEU B 507 16.39 24.86 12.31
C LEU B 507 16.77 26.13 11.54
N ASP B 508 17.85 26.10 10.77
CA ASP B 508 18.33 27.25 9.96
C ASP B 508 17.30 27.55 8.85
N ARG B 509 16.89 26.54 8.09
CA ARG B 509 16.07 26.76 6.87
C ARG B 509 14.66 27.26 7.24
N ALA B 510 14.10 26.80 8.34
CA ALA B 510 12.73 27.15 8.83
C ALA B 510 12.63 28.61 9.29
N LYS B 511 13.73 29.26 9.66
CA LYS B 511 13.69 30.68 10.13
C LYS B 511 13.10 31.58 9.04
N GLY B 512 11.95 32.19 9.33
CA GLY B 512 11.25 33.10 8.43
C GLY B 512 10.63 32.41 7.22
N ASN B 513 10.60 31.08 7.17
CA ASN B 513 10.05 30.32 6.02
C ASN B 513 9.17 29.19 6.53
N PRO B 514 7.93 29.52 6.95
CA PRO B 514 7.01 28.52 7.52
C PRO B 514 6.79 27.30 6.63
N ASN B 515 6.85 27.43 5.30
CA ASN B 515 6.51 26.27 4.43
C ASN B 515 7.55 25.16 4.61
N GLU B 516 8.78 25.51 4.99
CA GLU B 516 9.89 24.54 5.15
C GLU B 516 9.51 23.47 6.18
N ILE B 517 8.70 23.84 7.16
CA ILE B 517 8.41 22.91 8.28
C ILE B 517 7.60 21.74 7.73
N GLY B 518 6.44 22.00 7.16
CA GLY B 518 5.59 20.93 6.59
C GLY B 518 6.31 20.16 5.49
N ALA B 519 7.13 20.84 4.67
CA ALA B 519 7.85 20.27 3.51
C ALA B 519 8.79 19.16 4.00
N ALA B 520 9.49 19.40 5.11
CA ALA B 520 10.46 18.44 5.68
C ALA B 520 9.73 17.32 6.42
N SER B 521 8.56 17.60 6.97
CA SER B 521 7.95 16.87 8.11
C SER B 521 7.99 15.35 7.91
N VAL B 522 7.28 14.80 6.92
CA VAL B 522 7.10 13.33 6.84
C VAL B 522 8.46 12.64 6.58
N GLU B 523 9.26 13.15 5.63
CA GLU B 523 10.55 12.48 5.30
C GLU B 523 11.52 12.64 6.46
N TYR B 524 11.49 13.78 7.16
CA TYR B 524 12.34 13.94 8.34
C TYR B 524 11.94 12.90 9.38
N LEU B 525 10.65 12.77 9.64
CA LEU B 525 10.16 11.79 10.64
C LEU B 525 10.68 10.39 10.29
N HIS B 526 10.76 10.04 8.99
CA HIS B 526 11.28 8.73 8.56
C HIS B 526 12.77 8.65 8.88
N VAL B 527 13.55 9.71 8.58
CA VAL B 527 15.00 9.68 8.91
C VAL B 527 15.13 9.41 10.42
N PHE B 528 14.37 10.15 11.23
CA PHE B 528 14.34 9.98 12.70
C PHE B 528 14.05 8.50 13.01
N GLY B 529 12.99 7.97 12.42
CA GLY B 529 12.52 6.57 12.64
C GLY B 529 13.63 5.53 12.38
N TYR B 530 14.29 5.57 11.24
CA TYR B 530 15.36 4.60 10.87
C TYR B 530 16.55 4.78 11.83
N THR B 531 16.80 6.01 12.27
CA THR B 531 17.87 6.32 13.26
C THR B 531 17.49 5.69 14.61
N ALA B 532 16.26 5.88 15.06
CA ALA B 532 15.73 5.29 16.31
C ALA B 532 15.77 3.76 16.23
N TYR B 533 15.40 3.17 15.11
CA TYR B 533 15.42 1.68 14.96
C TYR B 533 16.87 1.18 14.96
N ALA B 534 17.83 1.94 14.45
CA ALA B 534 19.27 1.58 14.51
C ALA B 534 19.66 1.50 15.98
N TYR B 535 19.13 2.40 16.81
CA TYR B 535 19.45 2.43 18.25
C TYR B 535 18.83 1.18 18.89
N MET B 536 17.56 0.91 18.59
CA MET B 536 16.82 -0.28 19.08
C MET B 536 17.59 -1.56 18.68
N TRP B 537 18.03 -1.65 17.43
CA TRP B 537 18.72 -2.85 16.88
C TRP B 537 20.10 -2.99 17.53
N ALA B 538 20.80 -1.89 17.78
CA ALA B 538 22.12 -1.94 18.46
C ALA B 538 21.90 -2.43 19.90
N LEU B 539 20.83 -1.96 20.56
CA LEU B 539 20.53 -2.40 21.95
C LEU B 539 20.23 -3.90 21.95
N MET B 540 19.49 -4.39 20.96
CA MET B 540 19.14 -5.83 20.94
C MET B 540 20.39 -6.61 20.54
N ALA B 541 21.27 -6.05 19.70
CA ALA B 541 22.51 -6.74 19.25
C ALA B 541 23.44 -6.90 20.45
N ARG B 542 23.46 -5.91 21.33
CA ARG B 542 24.35 -5.94 22.52
C ARG B 542 23.96 -7.16 23.36
N THR B 543 22.67 -7.32 23.64
CA THR B 543 22.18 -8.46 24.47
C THR B 543 22.45 -9.79 23.78
N ALA B 544 22.15 -9.87 22.49
CA ALA B 544 22.31 -11.11 21.69
C ALA B 544 23.79 -11.51 21.63
N LEU B 545 24.71 -10.55 21.45
CA LEU B 545 26.18 -10.80 21.47
C LEU B 545 26.60 -11.40 22.80
N ALA B 546 26.09 -10.87 23.90
CA ALA B 546 26.38 -11.36 25.26
C ALA B 546 25.88 -12.80 25.43
N LYS B 547 24.77 -13.19 24.79
CA LYS B 547 24.10 -14.49 25.05
C LYS B 547 24.27 -15.45 23.87
N GLN B 548 25.11 -15.08 22.91
CA GLN B 548 25.30 -15.87 21.67
C GLN B 548 25.82 -17.26 22.06
N GLY B 549 25.24 -18.29 21.45
CA GLY B 549 25.64 -19.69 21.69
C GLY B 549 24.78 -20.28 22.78
N GLU B 550 24.08 -19.45 23.53
CA GLU B 550 23.21 -19.91 24.66
C GLU B 550 21.87 -20.44 24.12
N ASP B 551 21.52 -20.14 22.87
CA ASP B 551 20.14 -20.37 22.38
C ASP B 551 20.09 -19.81 20.96
N ASP B 552 19.48 -20.54 20.05
CA ASP B 552 19.34 -20.15 18.62
C ASP B 552 18.64 -18.79 18.48
N PHE B 553 17.78 -18.42 19.44
CA PHE B 553 17.07 -17.13 19.46
C PHE B 553 18.06 -15.97 19.23
N TYR B 554 19.24 -16.02 19.86
CA TYR B 554 20.21 -14.91 19.80
C TYR B 554 20.87 -14.86 18.43
N ALA B 555 21.13 -16.01 17.80
CA ALA B 555 21.68 -16.03 16.42
C ALA B 555 20.66 -15.39 15.44
N SER B 556 19.39 -15.76 15.55
CA SER B 556 18.26 -15.19 14.77
C SER B 556 18.25 -13.67 14.96
N LYS B 557 18.35 -13.22 16.21
CA LYS B 557 18.30 -11.76 16.50
C LYS B 557 19.44 -11.04 15.78
N LEU B 558 20.65 -11.61 15.83
CA LEU B 558 21.83 -10.93 15.23
C LEU B 558 21.76 -10.93 13.70
N GLY B 559 21.29 -12.00 13.11
CA GLY B 559 21.12 -12.00 11.64
C GLY B 559 20.10 -10.95 11.23
N THR B 560 19.03 -10.82 12.00
CA THR B 560 17.97 -9.83 11.68
C THR B 560 18.59 -8.43 11.82
N ALA B 561 19.34 -8.19 12.89
CA ALA B 561 20.05 -6.90 13.09
C ALA B 561 20.94 -6.57 11.89
N ARG B 562 21.68 -7.57 11.43
CA ARG B 562 22.65 -7.34 10.34
C ARG B 562 21.90 -6.96 9.06
N PHE B 563 20.76 -7.58 8.83
CA PHE B 563 19.94 -7.19 7.65
C PHE B 563 19.50 -5.73 7.81
N TYR B 564 19.03 -5.38 9.00
CA TYR B 564 18.53 -4.01 9.22
C TYR B 564 19.62 -3.00 8.84
N PHE B 565 20.82 -3.21 9.39
CA PHE B 565 21.90 -2.23 9.16
C PHE B 565 22.38 -2.26 7.70
N ALA B 566 22.35 -3.43 7.08
CA ALA B 566 22.90 -3.55 5.71
C ALA B 566 21.94 -3.00 4.65
N ARG B 567 20.65 -3.30 4.78
CA ARG B 567 19.72 -2.97 3.67
C ARG B 567 18.64 -1.94 4.02
N LEU B 568 18.36 -1.71 5.29
CA LEU B 568 17.25 -0.78 5.66
C LEU B 568 17.81 0.56 6.13
N LEU B 569 18.84 0.57 6.99
CA LEU B 569 19.38 1.82 7.57
C LEU B 569 19.82 2.76 6.45
N PRO B 570 20.38 2.29 5.31
CA PRO B 570 20.80 3.24 4.27
C PRO B 570 19.66 4.06 3.66
N ARG B 571 18.41 3.69 3.94
CA ARG B 571 17.23 4.49 3.54
C ARG B 571 17.36 5.95 4.03
N ILE B 572 18.17 6.23 5.04
CA ILE B 572 18.26 7.61 5.60
C ILE B 572 18.82 8.57 4.55
N HIS B 573 19.66 8.13 3.62
CA HIS B 573 20.43 9.08 2.77
C HIS B 573 19.53 9.79 1.73
N SER B 574 18.71 9.05 1.01
CA SER B 574 17.75 9.59 0.01
C SER B 574 16.71 10.48 0.72
N LEU B 575 16.25 10.07 1.89
CA LEU B 575 15.22 10.83 2.63
C LEU B 575 15.82 12.17 3.07
N SER B 576 17.06 12.13 3.54
CA SER B 576 17.77 13.36 3.98
C SER B 576 17.97 14.32 2.79
N ALA B 577 18.30 13.77 1.62
CA ALA B 577 18.53 14.61 0.44
C ALA B 577 17.20 15.24 -0.01
N SER B 578 16.14 14.46 0.00
CA SER B 578 14.79 14.98 -0.39
C SER B 578 14.40 16.12 0.57
N VAL B 579 14.54 15.89 1.87
CA VAL B 579 14.26 16.97 2.89
C VAL B 579 15.11 18.20 2.51
N ARG B 580 16.42 18.02 2.26
CA ARG B 580 17.36 19.15 2.03
C ARG B 580 17.04 19.91 0.74
N ALA B 581 16.21 19.36 -0.17
CA ALA B 581 15.76 20.09 -1.38
C ALA B 581 14.88 21.26 -0.95
N GLY B 582 14.29 21.20 0.25
CA GLY B 582 13.43 22.25 0.79
C GLY B 582 12.08 22.34 0.09
N SER B 583 11.31 23.36 0.47
CA SER B 583 9.89 23.55 0.05
C SER B 583 9.78 24.15 -1.36
N GLU B 584 10.86 24.68 -1.92
CA GLU B 584 10.77 25.50 -3.15
C GLU B 584 9.99 24.75 -4.25
N SER B 585 10.37 23.50 -4.54
CA SER B 585 9.76 22.72 -5.64
C SER B 585 8.31 22.34 -5.31
N LEU B 586 7.85 22.49 -4.06
CA LEU B 586 6.42 22.18 -3.72
C LEU B 586 5.51 23.35 -4.12
N TYR B 587 6.06 24.56 -4.29
CA TYR B 587 5.31 25.83 -4.39
C TYR B 587 5.55 26.51 -5.74
N LEU B 588 6.19 25.85 -6.69
CA LEU B 588 6.38 26.44 -8.04
C LEU B 588 5.03 26.62 -8.75
N LEU B 589 4.06 25.75 -8.47
CA LEU B 589 2.77 25.80 -9.21
C LEU B 589 1.62 26.35 -8.37
N ASP B 590 0.78 27.16 -9.01
CA ASP B 590 -0.47 27.62 -8.35
C ASP B 590 -1.45 26.46 -8.37
N ALA B 591 -2.48 26.53 -7.54
CA ALA B 591 -3.45 25.41 -7.44
C ALA B 591 -4.09 25.11 -8.80
N GLU B 592 -4.27 26.14 -9.63
CA GLU B 592 -4.94 25.96 -10.95
C GLU B 592 -4.02 25.24 -11.94
N GLN B 593 -2.73 25.17 -11.65
CA GLN B 593 -1.76 24.55 -12.59
C GLN B 593 -1.62 23.04 -12.32
N PHE B 594 -2.33 22.51 -11.33
CA PHE B 594 -2.22 21.07 -10.97
C PHE B 594 -3.12 20.21 -11.87
PA FAD C . 4.28 -18.44 -6.96
O1A FAD C . 4.64 -18.59 -8.39
O2A FAD C . 3.97 -19.65 -6.16
O5B FAD C . 5.41 -17.59 -6.23
C5B FAD C . 5.31 -17.39 -4.81
C4B FAD C . 6.38 -16.41 -4.40
O4B FAD C . 7.67 -16.95 -4.77
C3B FAD C . 6.30 -15.03 -5.08
O3B FAD C . 6.69 -14.01 -4.17
C2B FAD C . 7.27 -15.18 -6.24
O2B FAD C . 7.76 -13.95 -6.73
C1B FAD C . 8.36 -16.05 -5.61
N9A FAD C . 9.11 -16.82 -6.57
C8A FAD C . 8.70 -17.96 -7.23
N7A FAD C . 9.63 -18.42 -8.04
C5A FAD C . 10.69 -17.54 -7.92
C6A FAD C . 11.96 -17.47 -8.51
N6A FAD C . 12.40 -18.35 -9.41
N1A FAD C . 12.76 -16.44 -8.15
C2A FAD C . 12.32 -15.56 -7.25
N3A FAD C . 11.14 -15.52 -6.63
C4A FAD C . 10.37 -16.55 -7.00
N1 FAD C . -2.72 -16.75 -14.74
C2 FAD C . -3.15 -17.11 -15.96
O2 FAD C . -2.57 -17.97 -16.60
N3 FAD C . -4.21 -16.52 -16.56
C4 FAD C . -4.93 -15.52 -15.94
O4 FAD C . -5.90 -15.04 -16.50
C4X FAD C . -4.56 -15.16 -14.64
N5 FAD C . -5.26 -14.26 -14.00
C5X FAD C . -4.92 -14.01 -12.70
C6 FAD C . -5.72 -13.10 -11.98
C7 FAD C . -5.46 -12.84 -10.65
C7M FAD C . -6.34 -11.88 -9.88
C8 FAD C . -4.35 -13.44 -10.03
C8M FAD C . -4.04 -13.14 -8.58
C9 FAD C . -3.53 -14.27 -10.74
C9A FAD C . -3.82 -14.60 -12.07
N10 FAD C . -3.06 -15.51 -12.80
C10 FAD C . -3.42 -15.85 -14.09
C1' FAD C . -1.87 -16.12 -12.18
C2' FAD C . -0.74 -15.10 -12.12
O2' FAD C . -0.50 -14.53 -13.40
C3' FAD C . 0.59 -15.64 -11.61
O3' FAD C . 0.72 -17.04 -11.86
C4' FAD C . 0.72 -15.38 -10.12
O4' FAD C . 0.61 -13.97 -9.88
C5' FAD C . 1.99 -15.93 -9.54
O5' FAD C . 1.70 -15.97 -8.14
P FAD C . 1.57 -17.39 -7.42
O1P FAD C . 0.60 -17.19 -6.32
O2P FAD C . 1.37 -18.47 -8.42
O3P FAD C . 3.04 -17.44 -6.82
C1 GOL D . 1.30 19.29 -17.07
O1 GOL D . 2.42 18.96 -16.25
C2 GOL D . 0.02 18.79 -16.45
O2 GOL D . -0.67 19.85 -15.78
C3 GOL D . -0.89 18.05 -17.40
O3 GOL D . -2.06 17.56 -16.75
PA FAD E . -8.96 16.52 7.24
O1A FAD E . -8.66 16.89 8.66
O2A FAD E . -9.98 17.34 6.52
O5B FAD E . -7.59 16.44 6.43
C5B FAD E . -7.59 16.40 4.99
C4B FAD E . -6.17 16.45 4.53
O4B FAD E . -5.61 17.74 4.87
C3B FAD E . -5.22 15.41 5.14
O3B FAD E . -4.26 14.98 4.19
C2B FAD E . -4.54 16.19 6.27
O2B FAD E . -3.34 15.57 6.67
C1B FAD E . -4.39 17.55 5.58
N9A FAD E . -4.27 18.63 6.50
C8A FAD E . -5.29 19.20 7.21
N7A FAD E . -4.87 20.16 8.00
C5A FAD E . -3.50 20.22 7.80
C6A FAD E . -2.50 21.02 8.35
N6A FAD E . -2.72 21.94 9.28
N1A FAD E . -1.22 20.81 7.92
C2A FAD E . -1.01 19.85 7.01
N3A FAD E . -1.89 19.03 6.43
C4A FAD E . -3.12 19.27 6.87
N1 FAD E . -12.42 10.65 14.95
C2 FAD E . -13.11 10.70 16.11
O2 FAD E . -13.39 11.79 16.64
N3 FAD E . -13.40 9.56 16.81
C4 FAD E . -13.07 8.31 16.35
O4 FAD E . -13.46 7.32 16.97
C4X FAD E . -12.58 8.24 15.03
N5 FAD E . -12.39 7.05 14.48
C5X FAD E . -12.16 7.03 13.12
C6 FAD E . -12.25 5.82 12.45
C7 FAD E . -12.21 5.76 11.07
C7M FAD E . -12.38 4.43 10.38
C8 FAD E . -11.87 6.94 10.34
C8M FAD E . -11.67 6.90 8.85
C9 FAD E . -11.58 8.11 11.02
C9A FAD E . -11.82 8.21 12.40
N10 FAD E . -11.75 9.40 13.10
C10 FAD E . -12.27 9.48 14.38
C1' FAD E . -11.37 10.63 12.38
C2' FAD E . -9.88 10.56 12.06
O2' FAD E . -9.05 10.91 13.19
C3' FAD E . -9.51 11.39 10.81
O3' FAD E . -8.30 10.92 10.27
C4' FAD E . -9.37 12.88 11.04
O4' FAD E . -10.67 13.41 11.29
C5' FAD E . -8.71 13.56 9.85
O5' FAD E . -9.25 13.12 8.58
P FAD E . -10.36 14.03 7.81
O1P FAD E . -10.94 13.15 6.75
O2P FAD E . -11.25 14.78 8.73
O3P FAD E . -9.34 15.00 7.09
C1 GOL F . 7.05 -9.31 31.61
O1 GOL F . 8.25 -8.61 31.33
C2 GOL F . 6.69 -10.23 30.47
O2 GOL F . 6.91 -11.59 30.88
C3 GOL F . 7.51 -9.87 29.25
O3 GOL F . 6.72 -9.74 28.06
C1 GOL G . 12.26 -13.52 16.82
O1 GOL G . 11.14 -14.39 16.70
C2 GOL G . 13.57 -14.25 16.60
O2 GOL G . 13.60 -14.84 15.31
C3 GOL G . 14.79 -13.40 16.86
O3 GOL G . 14.99 -12.41 15.84
C1 PGE H . -28.73 17.35 15.36
O1 PGE H . -28.93 16.10 15.98
C2 PGE H . -27.36 17.49 14.77
O2 PGE H . -27.41 18.19 13.55
C3 PGE H . -26.26 18.99 13.32
C4 PGE H . -26.34 20.25 14.13
O4 PGE H . -25.34 22.53 16.95
C6 PGE H . -25.18 22.70 15.56
C5 PGE H . -24.51 21.53 14.91
O3 PGE H . -25.28 21.11 13.79
#